data_6KNK
#
_entry.id   6KNK
#
_cell.length_a   176.299
_cell.length_b   80.325
_cell.length_c   111.524
_cell.angle_alpha   90.00
_cell.angle_beta   102.07
_cell.angle_gamma   90.00
#
_symmetry.space_group_name_H-M   'C 1 2 1'
#
loop_
_entity.id
_entity.type
_entity.pdbx_description
1 polymer 'Probable diaminopimelate decarboxylase protein'
2 non-polymer '(2~{S})-2-[2-[2-[[2-methyl-3-oxidanyl-5-(phosphonooxymethyl)pyridin-4-yl]methylamino]ethylamino]-2-oxidanylidene-ethyl]-2-oxidanyl-butanedioic acid'
3 non-polymer 'PHOSPHATE ION'
4 non-polymer '(2S)-2-{2-[(2-AMINOETHYL)AMINO]-2-OXOETHYL}-2-HYDROXYBUTANEDIOIC ACID'
5 water water
#
_entity_poly.entity_id   1
_entity_poly.type   'polypeptide(L)'
_entity_poly.pdbx_seq_one_letter_code
;MRIVQPVIEQLKAQSHPVCHYIYDLVGLEHHLQHITSSLPSNCQMYYAMAANSERTILDTISQYVEGFEVASQGEIAKGL
AFKPANHIIFGGPGKTDEELRYAVSEGVQRIHVESMHELQRLNAILEDEDKTQHILLRVNLAGPFPNATLHMAGRPTQFG
ISEDEVDDVIEAALVMPNIHLDGFHFHSISNNLDSNLHVDVVKLYFKKAKSWSEKHRFPLKHINLGGGIGVNYADLTSQF
EWDNFVENFKTLIVEQEMEDVTLNFECGRFIVAHIGYYVTEVLDIKKVHGAWYAILRGGTQQFRLPVSWQHNHPFEIYRY
KDNPYSFEKVSISRQDTTLVGQLCTPKDVFAREVQIDAISTGDVIVFKYAGAYGWSISHHDFLSHPHPEFIYLTQTKEDE
HHHHHH
;
_entity_poly.pdbx_strand_id   A,B,C
#
loop_
_chem_comp.id
_chem_comp.type
_chem_comp.name
_chem_comp.formula
DN9 non-polymer '(2~{S})-2-[2-[2-[[2-methyl-3-oxidanyl-5-(phosphonooxymethyl)pyridin-4-yl]methylamino]ethylamino]-2-oxidanylidene-ethyl]-2-oxidanyl-butanedioic acid' 'C16 H24 N3 O11 P'
PO4 non-polymer 'PHOSPHATE ION' 'O4 P -3'
X3J non-polymer '(2S)-2-{2-[(2-AMINOETHYL)AMINO]-2-OXOETHYL}-2-HYDROXYBUTANEDIOIC ACID' 'C8 H14 N2 O6'
#
# COMPACT_ATOMS: atom_id res chain seq x y z
N MET A 1 -35.05 -16.11 14.95
CA MET A 1 -36.00 -16.43 13.83
C MET A 1 -37.43 -15.91 14.01
N ARG A 2 -37.90 -15.78 15.26
CA ARG A 2 -39.19 -15.14 15.58
C ARG A 2 -39.41 -13.79 14.87
N ILE A 3 -38.37 -12.97 14.80
CA ILE A 3 -38.45 -11.64 14.17
C ILE A 3 -38.53 -11.72 12.65
N VAL A 4 -37.68 -12.53 12.03
CA VAL A 4 -37.56 -12.59 10.56
C VAL A 4 -38.47 -13.59 9.84
N GLN A 5 -38.91 -14.64 10.54
CA GLN A 5 -39.71 -15.71 9.91
C GLN A 5 -41.03 -15.24 9.26
N PRO A 6 -41.77 -14.32 9.91
CA PRO A 6 -42.96 -13.75 9.27
C PRO A 6 -42.67 -13.07 7.92
N VAL A 7 -41.52 -12.40 7.82
CA VAL A 7 -41.10 -11.73 6.57
C VAL A 7 -40.72 -12.77 5.51
N ILE A 8 -39.97 -13.79 5.92
CA ILE A 8 -39.58 -14.89 5.01
C ILE A 8 -40.80 -15.63 4.45
N GLU A 9 -41.77 -15.93 5.33
CA GLU A 9 -43.01 -16.60 4.90
C GLU A 9 -43.86 -15.75 3.96
N GLN A 10 -43.89 -14.43 4.19
CA GLN A 10 -44.56 -13.50 3.27
C GLN A 10 -43.92 -13.50 1.88
N LEU A 11 -42.59 -13.47 1.83
CA LEU A 11 -41.84 -13.46 0.56
C LEU A 11 -42.05 -14.75 -0.25
N LYS A 12 -41.95 -15.90 0.42
CA LYS A 12 -42.23 -17.20 -0.20
C LYS A 12 -43.68 -17.33 -0.67
N ALA A 13 -44.62 -16.85 0.14
CA ALA A 13 -46.04 -16.85 -0.23
C ALA A 13 -46.33 -15.95 -1.44
N GLN A 14 -45.60 -14.85 -1.56
CA GLN A 14 -45.71 -13.93 -2.70
C GLN A 14 -44.82 -14.28 -3.90
N SER A 15 -43.96 -15.30 -3.75
CA SER A 15 -43.02 -15.74 -4.78
C SER A 15 -42.01 -14.66 -5.17
N HIS A 16 -41.54 -13.90 -4.18
CA HIS A 16 -40.44 -12.97 -4.39
C HIS A 16 -39.12 -13.68 -4.05
N PRO A 17 -38.05 -13.33 -4.77
CA PRO A 17 -36.74 -13.85 -4.38
C PRO A 17 -36.32 -13.34 -3.00
N VAL A 18 -35.70 -14.22 -2.20
CA VAL A 18 -35.23 -13.88 -0.87
C VAL A 18 -33.77 -13.47 -0.95
N CYS A 19 -33.52 -12.16 -0.97
CA CYS A 19 -32.21 -11.58 -0.75
C CYS A 19 -32.39 -10.22 -0.06
N HIS A 20 -32.40 -10.24 1.28
CA HIS A 20 -32.86 -9.10 2.09
C HIS A 20 -31.94 -8.76 3.25
N TYR A 21 -31.88 -7.46 3.55
CA TYR A 21 -31.46 -6.97 4.86
C TYR A 21 -32.74 -6.65 5.63
N ILE A 22 -32.90 -7.30 6.79
CA ILE A 22 -34.04 -7.07 7.68
C ILE A 22 -33.53 -6.46 8.97
N TYR A 23 -34.18 -5.38 9.42
CA TYR A 23 -33.81 -4.68 10.64
C TYR A 23 -34.96 -4.63 11.63
N ASP A 24 -34.63 -4.83 12.91
CA ASP A 24 -35.60 -4.83 14.01
C ASP A 24 -35.51 -3.48 14.72
N LEU A 25 -36.34 -2.53 14.31
CA LEU A 25 -36.31 -1.17 14.88
C LEU A 25 -36.85 -1.13 16.30
N VAL A 26 -37.81 -2.00 16.62
CA VAL A 26 -38.36 -2.09 17.99
C VAL A 26 -37.23 -2.48 18.95
N GLY A 27 -36.48 -3.53 18.59
CA GLY A 27 -35.30 -3.95 19.33
C GLY A 27 -34.21 -2.90 19.41
N LEU A 28 -33.99 -2.17 18.31
CA LEU A 28 -33.03 -1.05 18.27
C LEU A 28 -33.40 0.06 19.26
N GLU A 29 -34.69 0.40 19.33
CA GLU A 29 -35.19 1.42 20.26
C GLU A 29 -35.02 1.02 21.73
N HIS A 30 -35.33 -0.24 22.03
CA HIS A 30 -35.17 -0.79 23.39
C HIS A 30 -33.70 -0.82 23.81
N HIS A 31 -32.83 -1.14 22.86
CA HIS A 31 -31.38 -1.12 23.08
C HIS A 31 -30.86 0.30 23.35
N LEU A 32 -31.32 1.26 22.54
CA LEU A 32 -30.95 2.67 22.68
C LEU A 32 -31.46 3.29 23.99
N GLN A 33 -32.75 3.08 24.27
CA GLN A 33 -33.38 3.50 25.54
C GLN A 33 -32.61 3.00 26.76
N HIS A 34 -32.23 1.72 26.72
CA HIS A 34 -31.48 1.08 27.80
C HIS A 34 -30.09 1.70 28.01
N ILE A 35 -29.38 1.95 26.90
CA ILE A 35 -28.03 2.52 26.95
C ILE A 35 -28.04 4.00 27.34
N THR A 36 -28.88 4.80 26.69
CA THR A 36 -28.91 6.26 26.91
C THR A 36 -29.40 6.66 28.30
N SER A 37 -30.38 5.91 28.84
CA SER A 37 -30.89 6.17 30.19
C SER A 37 -29.88 5.78 31.28
N SER A 38 -29.14 4.71 31.07
CA SER A 38 -28.22 4.17 32.08
C SER A 38 -26.93 4.98 32.30
N LEU A 39 -26.57 5.83 31.34
CA LEU A 39 -25.35 6.64 31.47
C LEU A 39 -25.49 7.72 32.55
N PRO A 40 -24.37 8.13 33.18
CA PRO A 40 -24.40 9.27 34.10
C PRO A 40 -24.62 10.57 33.34
N SER A 41 -25.15 11.59 34.03
CA SER A 41 -25.58 12.84 33.39
C SER A 41 -24.46 13.65 32.72
N ASN A 42 -23.21 13.44 33.14
CA ASN A 42 -22.07 14.09 32.48
C ASN A 42 -21.52 13.35 31.24
N CYS A 43 -22.11 12.20 30.88
CA CYS A 43 -21.68 11.41 29.72
C CYS A 43 -22.82 11.19 28.72
N GLN A 44 -22.54 11.45 27.45
CA GLN A 44 -23.52 11.28 26.36
C GLN A 44 -23.06 10.22 25.35
N MET A 45 -24.01 9.62 24.66
CA MET A 45 -23.73 8.62 23.63
C MET A 45 -23.94 9.26 22.26
N TYR A 46 -22.89 9.25 21.43
CA TYR A 46 -22.99 9.61 20.02
C TYR A 46 -22.96 8.34 19.19
N TYR A 47 -23.68 8.33 18.07
CA TYR A 47 -23.70 7.19 17.16
C TYR A 47 -22.68 7.39 16.03
N ALA A 48 -21.69 6.50 15.99
CA ALA A 48 -20.72 6.45 14.90
C ALA A 48 -21.36 5.78 13.69
N MET A 49 -21.78 6.59 12.72
CA MET A 49 -22.62 6.11 11.59
C MET A 49 -21.89 5.26 10.54
N ALA A 50 -20.57 5.18 10.60
CA ALA A 50 -19.79 4.26 9.76
C ALA A 50 -20.34 2.84 9.78
N ALA A 51 -20.77 2.39 10.97
CA ALA A 51 -21.36 1.05 11.16
C ALA A 51 -22.60 0.83 10.29
N ASN A 52 -23.46 1.83 10.22
CA ASN A 52 -24.68 1.79 9.42
C ASN A 52 -25.26 3.20 9.27
N SER A 53 -25.13 3.78 8.08
CA SER A 53 -25.65 5.13 7.80
C SER A 53 -26.91 5.14 6.92
N GLU A 54 -27.68 4.04 6.96
CA GLU A 54 -28.95 3.96 6.24
C GLU A 54 -29.92 4.95 6.88
N ARG A 55 -30.65 5.68 6.05
CA ARG A 55 -31.44 6.83 6.53
C ARG A 55 -32.54 6.44 7.53
N THR A 56 -33.14 5.26 7.35
CA THR A 56 -34.12 4.73 8.32
C THR A 56 -33.47 4.41 9.67
N ILE A 57 -32.25 3.88 9.63
CA ILE A 57 -31.49 3.57 10.85
C ILE A 57 -31.12 4.86 11.60
N LEU A 58 -30.68 5.88 10.87
CA LEU A 58 -30.31 7.17 11.46
C LEU A 58 -31.52 7.89 12.08
N ASP A 59 -32.63 7.88 11.35
CA ASP A 59 -33.90 8.44 11.84
C ASP A 59 -34.33 7.81 13.16
N THR A 60 -34.30 6.48 13.23
CA THR A 60 -34.59 5.73 14.46
C THR A 60 -33.60 6.08 15.57
N ILE A 61 -32.32 6.13 15.24
CA ILE A 61 -31.26 6.39 16.22
C ILE A 61 -31.27 7.84 16.76
N SER A 62 -31.53 8.81 15.88
CA SER A 62 -31.52 10.25 16.25
C SER A 62 -32.47 10.65 17.38
N GLN A 63 -33.55 9.90 17.56
CA GLN A 63 -34.51 10.15 18.63
C GLN A 63 -33.91 9.96 20.04
N TYR A 64 -32.97 9.03 20.17
CA TYR A 64 -32.44 8.60 21.48
C TYR A 64 -31.05 9.16 21.82
N VAL A 65 -30.14 9.16 20.86
CA VAL A 65 -28.75 9.61 21.09
C VAL A 65 -28.60 11.13 21.13
N GLU A 66 -27.51 11.59 21.73
CA GLU A 66 -27.18 13.02 21.81
C GLU A 66 -26.84 13.58 20.44
N GLY A 67 -26.14 12.80 19.63
CA GLY A 67 -25.77 13.23 18.28
C GLY A 67 -25.13 12.13 17.45
N PHE A 68 -24.51 12.55 16.34
CA PHE A 68 -23.82 11.65 15.43
C PHE A 68 -22.33 11.95 15.40
N GLU A 69 -21.51 10.90 15.45
CA GLU A 69 -20.09 11.00 15.12
C GLU A 69 -19.98 10.74 13.62
N VAL A 70 -19.24 11.60 12.93
CA VAL A 70 -19.08 11.53 11.47
C VAL A 70 -17.61 11.62 11.11
N ALA A 71 -17.26 11.15 9.91
CA ALA A 71 -15.88 11.18 9.43
C ALA A 71 -15.73 11.57 7.95
N SER A 72 -16.72 12.24 7.39
CA SER A 72 -16.63 12.80 6.03
C SER A 72 -17.71 13.87 5.80
N GLN A 73 -17.59 14.61 4.72
CA GLN A 73 -18.64 15.56 4.30
C GLN A 73 -19.97 14.86 4.03
N GLY A 74 -19.93 13.66 3.47
CA GLY A 74 -21.12 12.86 3.21
C GLY A 74 -21.83 12.41 4.48
N GLU A 75 -21.06 12.00 5.49
CA GLU A 75 -21.62 11.63 6.79
C GLU A 75 -22.20 12.82 7.54
N ILE A 76 -21.55 13.98 7.42
CA ILE A 76 -22.10 15.25 7.93
C ILE A 76 -23.45 15.54 7.29
N ALA A 77 -23.49 15.47 5.96
CA ALA A 77 -24.72 15.69 5.18
C ALA A 77 -25.86 14.76 5.60
N LYS A 78 -25.54 13.48 5.79
CA LYS A 78 -26.53 12.50 6.28
C LYS A 78 -26.99 12.85 7.71
N GLY A 79 -26.04 13.16 8.58
CA GLY A 79 -26.32 13.55 9.97
C GLY A 79 -27.18 14.80 10.11
N LEU A 80 -26.93 15.81 9.27
CA LEU A 80 -27.69 17.07 9.30
C LEU A 80 -29.19 16.91 9.01
N ALA A 81 -29.57 15.88 8.27
CA ALA A 81 -30.98 15.56 8.01
C ALA A 81 -31.76 15.16 9.26
N PHE A 82 -31.07 14.59 10.26
CA PHE A 82 -31.71 14.10 11.49
C PHE A 82 -31.28 14.77 12.79
N LYS A 83 -30.07 15.33 12.82
CA LYS A 83 -29.60 16.17 13.93
C LYS A 83 -29.23 17.56 13.41
N PRO A 84 -29.19 18.56 14.30
CA PRO A 84 -28.61 19.85 13.92
C PRO A 84 -27.08 19.81 14.02
N ALA A 85 -26.42 20.79 13.40
CA ALA A 85 -24.96 20.85 13.31
C ALA A 85 -24.26 20.82 14.67
N ASN A 86 -24.81 21.55 15.64
CA ASN A 86 -24.24 21.62 17.00
C ASN A 86 -24.42 20.35 17.86
N HIS A 87 -24.98 19.29 17.29
CA HIS A 87 -24.93 17.94 17.87
C HIS A 87 -24.29 16.95 16.89
N ILE A 88 -23.23 17.38 16.20
CA ILE A 88 -22.44 16.51 15.31
C ILE A 88 -20.96 16.74 15.61
N ILE A 89 -20.22 15.64 15.77
CA ILE A 89 -18.79 15.68 16.06
C ILE A 89 -18.04 14.98 14.92
N PHE A 90 -16.93 15.58 14.48
CA PHE A 90 -16.26 15.23 13.21
C PHE A 90 -14.82 14.77 13.48
N GLY A 91 -14.55 13.49 13.21
CA GLY A 91 -13.21 12.90 13.34
C GLY A 91 -12.70 12.38 12.01
N GLY A 92 -11.46 11.89 12.00
CA GLY A 92 -10.85 11.29 10.80
C GLY A 92 -9.46 11.86 10.50
N PRO A 93 -8.53 10.98 10.03
CA PRO A 93 -7.13 11.37 9.82
C PRO A 93 -6.83 12.26 8.60
N GLY A 94 -7.77 12.39 7.66
CA GLY A 94 -7.55 13.17 6.43
C GLY A 94 -8.72 14.06 6.08
N LYS A 95 -8.98 15.04 6.94
CA LYS A 95 -10.04 16.01 6.70
C LYS A 95 -9.54 17.00 5.64
N THR A 96 -10.25 17.07 4.51
CA THR A 96 -9.86 17.95 3.42
C THR A 96 -10.26 19.38 3.76
N ASP A 97 -9.64 20.35 3.09
CA ASP A 97 -10.01 21.77 3.25
C ASP A 97 -11.50 22.00 2.96
N GLU A 98 -12.03 21.28 1.97
CA GLU A 98 -13.45 21.34 1.61
C GLU A 98 -14.33 20.83 2.75
N GLU A 99 -13.94 19.71 3.36
CA GLU A 99 -14.65 19.14 4.51
C GLU A 99 -14.57 20.02 5.76
N LEU A 100 -13.40 20.59 6.00
CA LEU A 100 -13.20 21.52 7.11
C LEU A 100 -14.01 22.80 6.94
N ARG A 101 -13.99 23.38 5.74
CA ARG A 101 -14.78 24.59 5.44
C ARG A 101 -16.27 24.31 5.56
N TYR A 102 -16.71 23.16 5.05
CA TYR A 102 -18.10 22.70 5.17
C TYR A 102 -18.51 22.54 6.64
N ALA A 103 -17.66 21.88 7.43
CA ALA A 103 -17.90 21.68 8.86
C ALA A 103 -18.01 23.00 9.64
N VAL A 104 -17.12 23.93 9.33
CA VAL A 104 -17.13 25.28 9.95
C VAL A 104 -18.35 26.07 9.51
N SER A 105 -18.66 26.03 8.21
CA SER A 105 -19.83 26.72 7.64
C SER A 105 -21.15 26.29 8.29
N GLU A 106 -21.35 24.98 8.39
CA GLU A 106 -22.54 24.41 9.03
C GLU A 106 -22.57 24.62 10.54
N GLY A 107 -21.38 24.73 11.15
CA GLY A 107 -21.25 25.00 12.57
C GLY A 107 -21.31 23.73 13.40
N VAL A 108 -20.43 22.78 13.06
CA VAL A 108 -20.36 21.49 13.79
C VAL A 108 -19.91 21.70 15.24
N GLN A 109 -20.31 20.78 16.11
CA GLN A 109 -20.07 20.91 17.55
C GLN A 109 -18.59 20.86 17.90
N ARG A 110 -17.92 19.82 17.41
CA ARG A 110 -16.47 19.64 17.61
C ARG A 110 -15.83 19.02 16.38
N ILE A 111 -14.59 19.45 16.09
CA ILE A 111 -13.72 18.77 15.13
C ILE A 111 -12.61 18.13 15.94
N HIS A 112 -12.41 16.81 15.76
CA HIS A 112 -11.36 16.06 16.46
C HIS A 112 -10.08 16.09 15.63
N VAL A 113 -9.20 17.03 15.94
CA VAL A 113 -7.98 17.24 15.16
C VAL A 113 -6.97 16.11 15.44
N GLU A 114 -6.43 15.53 14.36
CA GLU A 114 -5.55 14.37 14.43
C GLU A 114 -4.08 14.66 14.10
N SER A 115 -3.75 15.91 13.77
CA SER A 115 -2.36 16.31 13.54
C SER A 115 -2.14 17.82 13.65
N MET A 116 -0.87 18.21 13.70
CA MET A 116 -0.46 19.61 13.71
C MET A 116 -0.83 20.31 12.39
N HIS A 117 -0.59 19.62 11.27
CA HIS A 117 -0.88 20.20 9.95
C HIS A 117 -2.39 20.43 9.71
N GLU A 118 -3.21 19.54 10.25
CA GLU A 118 -4.68 19.71 10.20
C GLU A 118 -5.12 20.91 11.02
N LEU A 119 -4.59 21.04 12.23
CA LEU A 119 -4.84 22.19 13.11
C LEU A 119 -4.53 23.52 12.38
N GLN A 120 -3.39 23.56 11.70
CA GLN A 120 -2.96 24.73 10.94
C GLN A 120 -3.82 25.00 9.70
N ARG A 121 -4.27 23.93 9.03
CA ARG A 121 -5.21 24.06 7.91
C ARG A 121 -6.59 24.55 8.37
N LEU A 122 -7.06 24.00 9.50
CA LEU A 122 -8.31 24.44 10.13
C LEU A 122 -8.24 25.91 10.53
N ASN A 123 -7.14 26.29 11.20
CA ASN A 123 -6.92 27.67 11.64
C ASN A 123 -6.88 28.68 10.49
N ALA A 124 -6.24 28.31 9.38
CA ALA A 124 -6.19 29.16 8.18
C ALA A 124 -7.58 29.40 7.58
N ILE A 125 -8.45 28.38 7.64
CA ILE A 125 -9.84 28.50 7.20
C ILE A 125 -10.66 29.36 8.18
N LEU A 126 -10.41 29.17 9.49
CA LEU A 126 -11.10 29.95 10.52
C LEU A 126 -10.80 31.45 10.46
N GLU A 127 -9.52 31.80 10.23
CA GLU A 127 -9.12 33.20 10.05
C GLU A 127 -9.67 33.82 8.75
N ASP A 128 -9.77 33.02 7.70
CA ASP A 128 -10.36 33.46 6.42
C ASP A 128 -11.84 33.77 6.56
N GLU A 129 -12.57 32.81 7.15
CA GLU A 129 -14.02 32.94 7.39
C GLU A 129 -14.36 33.87 8.56
N ASP A 130 -13.37 34.12 9.43
CA ASP A 130 -13.53 34.96 10.62
C ASP A 130 -14.49 34.28 11.62
N LYS A 131 -14.24 32.99 11.84
CA LYS A 131 -15.05 32.16 12.73
C LYS A 131 -14.17 31.47 13.76
N THR A 132 -14.79 30.98 14.82
CA THR A 132 -14.12 30.16 15.82
C THR A 132 -14.67 28.73 15.78
N GLN A 133 -13.95 27.80 16.40
CA GLN A 133 -14.33 26.40 16.39
C GLN A 133 -13.85 25.68 17.66
N HIS A 134 -14.78 25.00 18.31
CA HIS A 134 -14.45 24.11 19.42
C HIS A 134 -13.83 22.82 18.87
N ILE A 135 -12.71 22.40 19.47
CA ILE A 135 -12.03 21.17 19.05
C ILE A 135 -11.68 20.27 20.22
N LEU A 136 -11.36 19.02 19.89
CA LEU A 136 -10.60 18.14 20.75
C LEU A 136 -9.36 17.75 19.95
N LEU A 137 -8.31 17.34 20.65
CA LEU A 137 -7.12 16.80 20.00
C LEU A 137 -7.15 15.29 20.17
N ARG A 138 -7.14 14.56 19.05
CA ARG A 138 -7.05 13.10 19.10
C ARG A 138 -5.63 12.68 19.47
N VAL A 139 -5.53 11.88 20.52
CA VAL A 139 -4.26 11.42 21.06
C VAL A 139 -4.10 9.93 20.75
N ASN A 140 -2.89 9.55 20.37
CA ASN A 140 -2.49 8.16 20.18
C ASN A 140 -1.54 7.77 21.32
N LEU A 141 -2.06 7.08 22.33
CA LEU A 141 -1.27 6.75 23.53
C LEU A 141 -0.33 5.58 23.28
N ALA A 142 0.88 5.70 23.83
CA ALA A 142 1.93 4.67 23.68
C ALA A 142 1.61 3.40 24.46
N ARG A 155 0.48 0.62 19.87
CA ARG A 155 1.11 0.33 18.58
C ARG A 155 0.83 1.45 17.56
N PRO A 156 1.66 1.55 16.50
CA PRO A 156 1.52 2.68 15.59
C PRO A 156 0.41 2.45 14.57
N THR A 157 -0.53 3.39 14.53
CA THR A 157 -1.54 3.48 13.49
C THR A 157 -1.45 4.89 12.91
N GLN A 158 -2.20 5.14 11.85
CA GLN A 158 -2.24 6.46 11.21
C GLN A 158 -3.03 7.51 11.98
N PHE A 159 -3.66 7.13 13.09
CA PHE A 159 -4.67 7.95 13.74
C PHE A 159 -4.13 8.80 14.88
N GLY A 160 -4.59 10.05 14.91
CA GLY A 160 -4.31 10.96 16.00
C GLY A 160 -2.87 11.43 16.07
N ILE A 161 -2.56 12.11 17.17
CA ILE A 161 -1.25 12.69 17.41
C ILE A 161 -0.49 11.71 18.30
N SER A 162 0.79 11.49 17.98
CA SER A 162 1.65 10.62 18.79
C SER A 162 1.85 11.27 20.16
N GLU A 163 1.82 10.44 21.21
CA GLU A 163 1.81 10.93 22.60
C GLU A 163 2.88 12.00 22.91
N ASP A 164 4.11 11.73 22.44
N ASP A 164 4.12 11.79 22.45
CA ASP A 164 5.26 12.63 22.59
CA ASP A 164 5.19 12.74 22.74
C ASP A 164 5.09 13.99 21.90
C ASP A 164 5.18 13.98 21.83
N GLU A 165 4.34 14.00 20.80
CA GLU A 165 4.08 15.20 20.00
C GLU A 165 2.88 16.04 20.53
N VAL A 166 2.11 15.48 21.48
CA VAL A 166 0.87 16.13 21.96
C VAL A 166 1.11 17.52 22.56
N ASP A 167 2.16 17.64 23.38
CA ASP A 167 2.52 18.90 24.05
C ASP A 167 2.68 20.07 23.08
N ASP A 168 3.37 19.83 21.97
CA ASP A 168 3.61 20.86 20.95
C ASP A 168 2.32 21.34 20.27
N VAL A 169 1.38 20.41 20.05
CA VAL A 169 0.11 20.72 19.36
C VAL A 169 -0.84 21.46 20.31
N ILE A 170 -0.81 21.11 21.60
CA ILE A 170 -1.57 21.84 22.63
C ILE A 170 -1.15 23.31 22.68
N GLU A 171 0.15 23.54 22.82
CA GLU A 171 0.72 24.90 22.86
C GLU A 171 0.35 25.72 21.63
N ALA A 172 0.41 25.10 20.45
CA ALA A 172 0.01 25.73 19.19
C ALA A 172 -1.49 26.05 19.15
N ALA A 173 -2.30 25.14 19.69
CA ALA A 173 -3.76 25.32 19.77
C ALA A 173 -4.16 26.46 20.73
N LEU A 174 -3.51 26.52 21.88
CA LEU A 174 -3.79 27.56 22.89
C LEU A 174 -3.46 28.98 22.40
N VAL A 175 -2.41 29.11 21.59
CA VAL A 175 -2.02 30.41 21.01
C VAL A 175 -2.98 30.87 19.89
N MET A 176 -3.62 29.94 19.21
CA MET A 176 -4.62 30.28 18.19
C MET A 176 -5.90 30.84 18.83
N PRO A 177 -6.24 32.13 18.56
CA PRO A 177 -7.44 32.71 19.15
C PRO A 177 -8.76 32.12 18.63
N ASN A 178 -8.78 31.75 17.34
CA ASN A 178 -9.97 31.15 16.73
C ASN A 178 -10.26 29.71 17.17
N ILE A 179 -9.26 29.02 17.73
CA ILE A 179 -9.45 27.65 18.23
C ILE A 179 -9.86 27.70 19.71
N HIS A 180 -10.88 26.92 20.06
CA HIS A 180 -11.31 26.72 21.44
C HIS A 180 -11.06 25.26 21.84
N LEU A 181 -9.95 25.01 22.56
CA LEU A 181 -9.60 23.65 22.96
C LEU A 181 -10.46 23.17 24.14
N ASP A 182 -11.45 22.33 23.85
CA ASP A 182 -12.29 21.71 24.89
C ASP A 182 -11.53 20.65 25.69
N GLY A 183 -10.70 19.86 25.01
CA GLY A 183 -9.92 18.82 25.66
C GLY A 183 -9.37 17.81 24.68
N PHE A 184 -9.65 16.51 24.92
CA PHE A 184 -8.98 15.43 24.19
C PHE A 184 -9.92 14.34 23.68
N HIS A 185 -9.43 13.59 22.71
CA HIS A 185 -10.15 12.49 22.07
C HIS A 185 -9.24 11.26 22.09
N PHE A 186 -9.74 10.17 22.70
CA PHE A 186 -9.03 8.90 22.74
C PHE A 186 -9.88 7.83 22.09
N HIS A 187 -9.33 7.15 21.09
CA HIS A 187 -9.94 5.95 20.53
C HIS A 187 -8.84 4.93 20.25
N SER A 188 -8.37 4.29 21.32
CA SER A 188 -7.22 3.39 21.29
C SER A 188 -7.59 2.00 20.76
N ILE A 189 -8.59 1.38 21.40
CA ILE A 189 -8.96 -0.02 21.14
C ILE A 189 -10.21 -0.17 20.30
N SER A 190 -10.37 -1.36 19.72
CA SER A 190 -11.48 -1.67 18.81
C SER A 190 -12.00 -3.09 19.09
N ASN A 191 -13.32 -3.22 19.18
CA ASN A 191 -14.01 -4.49 19.46
C ASN A 191 -13.55 -5.20 20.75
N ASN A 192 -13.65 -4.48 21.88
CA ASN A 192 -13.33 -5.04 23.21
C ASN A 192 -14.59 -5.60 23.85
N LEU A 193 -14.54 -6.87 24.29
CA LEU A 193 -15.68 -7.56 24.90
C LEU A 193 -15.70 -7.57 26.44
N ASP A 194 -14.58 -7.19 27.07
CA ASP A 194 -14.47 -7.21 28.53
C ASP A 194 -14.76 -5.82 29.12
N SER A 195 -15.77 -5.75 29.99
CA SER A 195 -16.18 -4.50 30.65
C SER A 195 -15.13 -3.94 31.61
N ASN A 196 -14.43 -4.83 32.32
CA ASN A 196 -13.44 -4.42 33.32
C ASN A 196 -12.19 -3.80 32.70
N LEU A 197 -11.70 -4.42 31.62
CA LEU A 197 -10.56 -3.88 30.87
C LEU A 197 -10.87 -2.51 30.24
N HIS A 198 -12.13 -2.28 29.86
CA HIS A 198 -12.56 -1.00 29.29
C HIS A 198 -12.55 0.14 30.33
N VAL A 199 -12.90 -0.18 31.57
CA VAL A 199 -12.84 0.79 32.68
C VAL A 199 -11.41 1.25 32.96
N ASP A 200 -10.46 0.31 32.91
CA ASP A 200 -9.02 0.61 33.08
C ASP A 200 -8.51 1.56 31.99
N VAL A 201 -8.93 1.30 30.74
CA VAL A 201 -8.61 2.16 29.60
C VAL A 201 -9.24 3.55 29.74
N VAL A 202 -10.48 3.61 30.23
CA VAL A 202 -11.14 4.90 30.52
C VAL A 202 -10.45 5.64 31.68
N LYS A 203 -9.98 4.90 32.69
CA LYS A 203 -9.17 5.45 33.79
C LYS A 203 -7.86 6.04 33.29
N LEU A 204 -7.24 5.34 32.35
CA LEU A 204 -6.00 5.79 31.71
C LEU A 204 -6.21 7.07 30.89
N TYR A 205 -7.37 7.20 30.24
CA TYR A 205 -7.72 8.43 29.54
C TYR A 205 -7.89 9.62 30.49
N PHE A 206 -8.47 9.38 31.66
CA PHE A 206 -8.62 10.43 32.68
C PHE A 206 -7.28 10.92 33.22
N LYS A 207 -6.40 9.97 33.57
CA LYS A 207 -5.07 10.29 34.09
C LYS A 207 -4.24 11.11 33.10
N LYS A 208 -4.26 10.72 31.83
CA LYS A 208 -3.54 11.42 30.77
C LYS A 208 -4.14 12.80 30.46
N ALA A 209 -5.47 12.86 30.39
CA ALA A 209 -6.17 14.12 30.06
C ALA A 209 -5.99 15.21 31.11
N LYS A 210 -6.09 14.83 32.39
CA LYS A 210 -5.83 15.76 33.51
C LYS A 210 -4.37 16.23 33.53
N SER A 211 -3.44 15.30 33.34
CA SER A 211 -2.01 15.59 33.32
C SER A 211 -1.64 16.68 32.31
N TRP A 212 -2.23 16.61 31.12
CA TRP A 212 -2.00 17.63 30.07
C TRP A 212 -2.65 18.97 30.40
N SER A 213 -3.86 18.96 30.95
CA SER A 213 -4.58 20.21 31.28
C SER A 213 -3.92 20.98 32.43
N GLU A 214 -3.45 20.24 33.44
CA GLU A 214 -2.73 20.82 34.59
C GLU A 214 -1.36 21.38 34.18
N LYS A 215 -0.63 20.63 33.35
CA LYS A 215 0.67 21.07 32.85
C LYS A 215 0.56 22.33 31.98
N HIS A 216 -0.34 22.28 31.00
CA HIS A 216 -0.51 23.38 30.04
C HIS A 216 -1.46 24.50 30.51
N ARG A 217 -2.07 24.35 31.68
CA ARG A 217 -2.79 25.43 32.37
C ARG A 217 -3.99 25.96 31.58
N PHE A 218 -4.89 25.04 31.22
CA PHE A 218 -6.16 25.38 30.57
C PHE A 218 -7.27 24.47 31.11
N PRO A 219 -8.54 24.93 31.06
CA PRO A 219 -9.61 24.16 31.67
C PRO A 219 -9.99 22.93 30.85
N LEU A 220 -9.93 21.76 31.48
CA LEU A 220 -10.32 20.50 30.85
C LEU A 220 -11.85 20.40 30.79
N LYS A 221 -12.42 20.91 29.70
CA LYS A 221 -13.88 20.97 29.52
C LYS A 221 -14.48 19.61 29.14
N HIS A 222 -13.89 18.96 28.14
CA HIS A 222 -14.47 17.74 27.56
C HIS A 222 -13.44 16.63 27.26
N ILE A 223 -13.87 15.37 27.39
CA ILE A 223 -13.10 14.20 26.94
C ILE A 223 -14.00 13.25 26.14
N ASN A 224 -13.68 13.07 24.86
CA ASN A 224 -14.27 12.03 24.03
C ASN A 224 -13.53 10.71 24.28
N LEU A 225 -14.23 9.75 24.89
CA LEU A 225 -13.65 8.45 25.26
C LEU A 225 -13.68 7.40 24.14
N GLY A 226 -14.12 7.79 22.94
CA GLY A 226 -14.10 6.90 21.78
C GLY A 226 -15.19 5.84 21.83
N GLY A 227 -15.08 4.86 20.94
CA GLY A 227 -15.93 3.67 20.94
C GLY A 227 -15.12 2.44 21.33
N GLY A 228 -15.22 1.40 20.50
CA GLY A 228 -14.51 0.15 20.72
C GLY A 228 -15.24 -0.84 21.64
N ILE A 229 -16.53 -0.65 21.83
CA ILE A 229 -17.36 -1.58 22.58
C ILE A 229 -17.62 -2.77 21.66
N GLY A 230 -17.22 -3.95 22.10
CA GLY A 230 -17.21 -5.14 21.25
C GLY A 230 -18.55 -5.80 21.05
N VAL A 231 -18.63 -6.61 19.99
CA VAL A 231 -19.77 -7.49 19.73
C VAL A 231 -19.20 -8.88 19.43
N ASN A 232 -19.72 -9.89 20.11
CA ASN A 232 -19.25 -11.26 19.96
C ASN A 232 -19.97 -11.97 18.81
N TYR A 233 -19.20 -12.34 17.79
CA TYR A 233 -19.71 -13.09 16.63
C TYR A 233 -19.56 -14.61 16.76
N ALA A 234 -18.56 -15.06 17.53
CA ALA A 234 -18.30 -16.49 17.71
C ALA A 234 -19.33 -17.14 18.63
N ASP A 235 -19.43 -16.61 19.85
CA ASP A 235 -20.42 -17.04 20.85
C ASP A 235 -21.43 -15.90 21.05
N LEU A 236 -22.65 -16.08 20.55
CA LEU A 236 -23.68 -15.04 20.62
C LEU A 236 -24.21 -14.75 22.03
N THR A 237 -24.10 -15.72 22.94
CA THR A 237 -24.60 -15.56 24.31
C THR A 237 -23.70 -14.71 25.20
N SER A 238 -22.43 -14.53 24.81
CA SER A 238 -21.43 -13.84 25.64
C SER A 238 -21.07 -12.44 25.10
N GLN A 239 -22.03 -11.52 25.21
CA GLN A 239 -21.86 -10.14 24.72
C GLN A 239 -21.25 -9.22 25.77
N PHE A 240 -20.97 -7.98 25.38
CA PHE A 240 -20.41 -6.96 26.27
C PHE A 240 -21.35 -6.67 27.45
N GLU A 241 -20.80 -6.65 28.66
CA GLU A 241 -21.56 -6.43 29.88
C GLU A 241 -21.74 -4.93 30.12
N TRP A 242 -22.76 -4.34 29.51
CA TRP A 242 -23.00 -2.89 29.56
C TRP A 242 -23.38 -2.41 30.96
N ASP A 243 -24.36 -3.08 31.57
CA ASP A 243 -24.78 -2.79 32.95
C ASP A 243 -23.64 -2.89 33.96
N ASN A 244 -22.79 -3.89 33.77
CA ASN A 244 -21.58 -4.08 34.58
C ASN A 244 -20.56 -2.96 34.33
N PHE A 245 -20.38 -2.60 33.06
CA PHE A 245 -19.45 -1.52 32.67
C PHE A 245 -19.88 -0.16 33.23
N VAL A 246 -21.14 0.20 33.00
CA VAL A 246 -21.65 1.54 33.35
C VAL A 246 -21.59 1.86 34.85
N GLU A 247 -21.83 0.87 35.71
CA GLU A 247 -21.78 1.07 37.17
C GLU A 247 -20.35 1.30 37.68
N ASN A 248 -19.38 0.55 37.15
CA ASN A 248 -17.96 0.76 37.46
C ASN A 248 -17.38 2.02 36.77
N PHE A 249 -17.97 2.39 35.64
CA PHE A 249 -17.66 3.65 34.95
C PHE A 249 -18.16 4.85 35.77
N LYS A 250 -19.34 4.71 36.37
CA LYS A 250 -19.90 5.74 37.28
C LYS A 250 -19.07 5.92 38.55
N THR A 251 -18.64 4.79 39.14
CA THR A 251 -17.69 4.78 40.28
C THR A 251 -16.41 5.55 39.96
N LEU A 252 -15.88 5.35 38.76
CA LEU A 252 -14.60 5.91 38.34
C LEU A 252 -14.62 7.42 38.16
N ILE A 253 -15.73 7.96 37.63
CA ILE A 253 -15.93 9.41 37.47
C ILE A 253 -15.77 10.16 38.82
N VAL A 254 -16.25 9.55 39.90
CA VAL A 254 -16.18 10.14 41.24
C VAL A 254 -14.75 10.04 41.79
N GLU A 255 -14.17 8.84 41.70
CA GLU A 255 -12.78 8.58 42.12
C GLU A 255 -11.77 9.57 41.52
N GLN A 256 -11.84 9.72 40.20
CA GLN A 256 -10.93 10.60 39.46
C GLN A 256 -11.38 12.06 39.40
N GLU A 257 -12.50 12.39 40.05
CA GLU A 257 -13.05 13.76 40.11
C GLU A 257 -13.30 14.34 38.73
N MET A 258 -14.21 13.68 38.00
CA MET A 258 -14.57 14.04 36.63
C MET A 258 -16.07 14.36 36.49
N GLU A 259 -16.70 14.81 37.58
CA GLU A 259 -18.14 15.13 37.56
C GLU A 259 -18.42 16.42 36.76
N ASP A 260 -17.54 17.41 36.90
CA ASP A 260 -17.63 18.67 36.16
C ASP A 260 -17.01 18.62 34.76
N VAL A 261 -16.22 17.57 34.48
CA VAL A 261 -15.71 17.30 33.13
C VAL A 261 -16.80 16.55 32.37
N THR A 262 -17.29 17.14 31.28
CA THR A 262 -18.36 16.53 30.48
C THR A 262 -17.78 15.58 29.42
N LEU A 263 -18.42 14.43 29.22
CA LEU A 263 -17.86 13.31 28.46
C LEU A 263 -18.76 12.83 27.33
N ASN A 264 -18.21 12.00 26.43
CA ASN A 264 -19.00 11.27 25.44
C ASN A 264 -18.33 9.99 24.93
N PHE A 265 -19.16 9.01 24.57
CA PHE A 265 -18.74 7.86 23.77
C PHE A 265 -19.13 8.09 22.32
N GLU A 266 -18.59 7.28 21.43
CA GLU A 266 -18.94 7.28 20.01
C GLU A 266 -18.98 5.84 19.53
N CYS A 267 -20.13 5.19 19.72
CA CYS A 267 -20.30 3.76 19.42
C CYS A 267 -21.00 3.57 18.08
N GLY A 268 -20.54 2.59 17.32
CA GLY A 268 -21.15 2.21 16.04
C GLY A 268 -21.66 0.78 16.11
N ARG A 269 -20.73 -0.15 16.24
CA ARG A 269 -21.02 -1.60 16.20
C ARG A 269 -21.99 -2.06 17.27
N PHE A 270 -21.70 -1.70 18.52
CA PHE A 270 -22.50 -2.11 19.69
C PHE A 270 -23.97 -1.68 19.59
N ILE A 271 -24.24 -0.56 18.91
CA ILE A 271 -25.60 -0.02 18.80
C ILE A 271 -26.47 -0.82 17.82
N VAL A 272 -25.93 -1.19 16.65
CA VAL A 272 -26.74 -1.74 15.54
C VAL A 272 -26.49 -3.21 15.15
N ALA A 273 -25.43 -3.84 15.66
CA ALA A 273 -25.04 -5.19 15.21
C ALA A 273 -26.15 -6.24 15.31
N HIS A 274 -26.62 -6.49 16.54
CA HIS A 274 -27.56 -7.59 16.81
C HIS A 274 -28.99 -7.42 16.27
N ILE A 275 -29.37 -6.18 15.92
CA ILE A 275 -30.71 -5.90 15.36
C ILE A 275 -30.82 -6.04 13.83
N GLY A 276 -29.71 -6.31 13.15
CA GLY A 276 -29.69 -6.49 11.69
C GLY A 276 -29.52 -7.95 11.29
N TYR A 277 -30.17 -8.32 10.19
CA TYR A 277 -30.12 -9.68 9.65
C TYR A 277 -29.91 -9.62 8.14
N TYR A 278 -29.04 -10.49 7.63
CA TYR A 278 -28.87 -10.68 6.19
C TYR A 278 -29.43 -12.04 5.82
N VAL A 279 -30.49 -12.02 5.01
CA VAL A 279 -31.32 -13.18 4.74
C VAL A 279 -31.27 -13.48 3.25
N THR A 280 -31.01 -14.75 2.91
CA THR A 280 -30.87 -15.17 1.50
C THR A 280 -31.24 -16.64 1.29
N GLU A 281 -31.75 -16.94 0.09
CA GLU A 281 -32.20 -18.29 -0.26
C GLU A 281 -31.11 -19.13 -0.93
N VAL A 282 -31.19 -20.45 -0.73
CA VAL A 282 -30.23 -21.39 -1.31
C VAL A 282 -30.60 -21.63 -2.77
N LEU A 283 -29.69 -21.32 -3.68
CA LEU A 283 -29.89 -21.50 -5.12
C LEU A 283 -29.39 -22.86 -5.62
N ASP A 284 -28.31 -23.35 -5.01
CA ASP A 284 -27.70 -24.61 -5.44
C ASP A 284 -27.00 -25.29 -4.27
N ILE A 285 -26.89 -26.62 -4.36
CA ILE A 285 -26.07 -27.42 -3.45
C ILE A 285 -25.30 -28.43 -4.31
N LYS A 286 -23.96 -28.43 -4.16
CA LYS A 286 -23.08 -29.29 -4.96
C LYS A 286 -21.93 -29.84 -4.13
N LYS A 287 -21.41 -30.99 -4.57
CA LYS A 287 -20.19 -31.57 -4.01
C LYS A 287 -19.06 -31.41 -5.00
N VAL A 288 -17.93 -30.84 -4.56
CA VAL A 288 -16.74 -30.66 -5.41
C VAL A 288 -15.52 -31.20 -4.68
N HIS A 289 -14.93 -32.26 -5.24
CA HIS A 289 -13.75 -32.91 -4.68
C HIS A 289 -13.89 -33.22 -3.18
N GLY A 290 -15.03 -33.83 -2.83
CA GLY A 290 -15.32 -34.25 -1.46
C GLY A 290 -16.02 -33.23 -0.56
N ALA A 291 -16.01 -31.95 -0.94
CA ALA A 291 -16.50 -30.85 -0.08
C ALA A 291 -17.86 -30.32 -0.55
N TRP A 292 -18.80 -30.19 0.38
CA TRP A 292 -20.14 -29.67 0.09
C TRP A 292 -20.17 -28.14 0.08
N TYR A 293 -20.93 -27.59 -0.86
CA TYR A 293 -21.14 -26.14 -0.99
C TYR A 293 -22.62 -25.82 -1.11
N ALA A 294 -23.04 -24.70 -0.53
CA ALA A 294 -24.37 -24.16 -0.72
C ALA A 294 -24.26 -22.76 -1.32
N ILE A 295 -24.70 -22.62 -2.58
CA ILE A 295 -24.65 -21.34 -3.29
C ILE A 295 -25.89 -20.53 -2.93
N LEU A 296 -25.68 -19.32 -2.40
CA LEU A 296 -26.76 -18.44 -1.94
C LEU A 296 -26.94 -17.25 -2.88
N ARG A 297 -28.14 -16.70 -2.89
CA ARG A 297 -28.43 -15.47 -3.64
C ARG A 297 -27.75 -14.30 -2.95
N GLY A 298 -27.31 -13.31 -3.74
CA GLY A 298 -26.47 -12.24 -3.23
C GLY A 298 -25.04 -12.72 -3.11
N GLY A 299 -24.35 -12.27 -2.07
CA GLY A 299 -22.95 -12.61 -1.85
C GLY A 299 -22.25 -11.69 -0.87
N THR A 300 -20.93 -11.83 -0.78
CA THR A 300 -20.12 -11.03 0.12
C THR A 300 -19.83 -9.61 -0.41
N GLN A 301 -20.21 -9.33 -1.66
CA GLN A 301 -20.23 -7.95 -2.16
C GLN A 301 -21.42 -7.16 -1.60
N GLN A 302 -22.40 -7.88 -1.03
CA GLN A 302 -23.51 -7.27 -0.28
C GLN A 302 -23.33 -7.35 1.24
N PHE A 303 -22.65 -8.40 1.72
CA PHE A 303 -22.40 -8.60 3.15
C PHE A 303 -20.96 -9.09 3.34
N ARG A 304 -20.02 -8.13 3.32
CA ARG A 304 -18.58 -8.42 3.32
C ARG A 304 -17.98 -8.81 4.68
N LEU A 305 -18.72 -8.57 5.77
CA LEU A 305 -18.18 -8.75 7.13
C LEU A 305 -17.48 -10.08 7.41
N PRO A 306 -18.05 -11.22 6.95
CA PRO A 306 -17.37 -12.52 7.16
C PRO A 306 -15.99 -12.64 6.50
N VAL A 307 -15.82 -12.04 5.32
CA VAL A 307 -14.56 -12.11 4.56
C VAL A 307 -13.51 -11.19 5.17
N SER A 308 -13.90 -9.94 5.44
CA SER A 308 -13.01 -8.95 6.05
C SER A 308 -12.45 -9.40 7.40
N TRP A 309 -13.34 -9.91 8.26
CA TRP A 309 -12.95 -10.40 9.59
C TRP A 309 -12.46 -11.86 9.60
N GLN A 310 -12.63 -12.57 8.48
CA GLN A 310 -12.15 -13.94 8.31
C GLN A 310 -12.71 -14.91 9.36
N HIS A 311 -14.04 -14.99 9.42
CA HIS A 311 -14.71 -15.95 10.30
C HIS A 311 -15.95 -16.57 9.68
N ASN A 312 -16.44 -17.62 10.33
CA ASN A 312 -17.70 -18.25 9.99
C ASN A 312 -18.81 -17.45 10.66
N HIS A 313 -19.57 -16.69 9.88
CA HIS A 313 -20.59 -15.80 10.43
C HIS A 313 -21.80 -16.59 10.94
N PRO A 314 -22.30 -16.27 12.16
CA PRO A 314 -23.41 -17.07 12.71
C PRO A 314 -24.69 -16.98 11.88
N PHE A 315 -25.38 -18.12 11.75
CA PHE A 315 -26.59 -18.20 10.95
C PHE A 315 -27.58 -19.24 11.45
N GLU A 316 -28.84 -19.06 11.07
CA GLU A 316 -29.90 -20.06 11.25
C GLU A 316 -30.45 -20.43 9.88
N ILE A 317 -31.14 -21.56 9.82
CA ILE A 317 -31.72 -22.07 8.58
C ILE A 317 -33.25 -22.15 8.72
N TYR A 318 -33.94 -21.52 7.78
CA TYR A 318 -35.39 -21.66 7.63
C TYR A 318 -35.65 -22.69 6.53
N ARG A 319 -36.35 -23.76 6.88
CA ARG A 319 -36.77 -24.78 5.91
C ARG A 319 -38.05 -24.37 5.21
N TYR A 320 -38.08 -24.56 3.90
CA TYR A 320 -39.29 -24.35 3.08
C TYR A 320 -39.75 -25.70 2.54
N LYS A 321 -41.01 -26.04 2.75
CA LYS A 321 -41.54 -27.38 2.46
C LYS A 321 -41.89 -27.60 0.99
N ASP A 322 -42.51 -26.59 0.36
CA ASP A 322 -42.94 -26.70 -1.04
C ASP A 322 -41.76 -26.72 -2.02
N ASN A 323 -42.03 -27.25 -3.22
CA ASN A 323 -41.07 -27.31 -4.32
C ASN A 323 -41.70 -26.64 -5.54
N PRO A 324 -41.14 -25.49 -5.99
CA PRO A 324 -41.71 -24.82 -7.17
C PRO A 324 -41.40 -25.51 -8.50
N TYR A 325 -40.36 -26.35 -8.53
CA TYR A 325 -39.94 -27.05 -9.74
C TYR A 325 -40.52 -28.45 -9.81
N SER A 326 -40.68 -28.95 -11.04
CA SER A 326 -41.15 -30.32 -11.30
C SER A 326 -40.07 -31.40 -11.14
N PHE A 327 -38.81 -30.97 -10.96
CA PHE A 327 -37.70 -31.86 -10.64
C PHE A 327 -37.35 -31.71 -9.16
N GLU A 328 -36.58 -32.66 -8.63
CA GLU A 328 -36.31 -32.71 -7.20
C GLU A 328 -35.36 -31.63 -6.71
N LYS A 329 -35.46 -31.33 -5.41
CA LYS A 329 -34.49 -30.50 -4.73
C LYS A 329 -33.21 -31.30 -4.54
N VAL A 330 -32.11 -30.59 -4.29
CA VAL A 330 -30.91 -31.19 -3.74
C VAL A 330 -31.03 -30.99 -2.24
N SER A 331 -31.04 -32.09 -1.49
CA SER A 331 -31.16 -32.09 -0.04
C SER A 331 -30.01 -32.86 0.60
N ILE A 332 -29.42 -32.27 1.63
CA ILE A 332 -28.37 -32.92 2.43
C ILE A 332 -28.67 -32.75 3.92
N SER A 333 -28.03 -33.58 4.73
CA SER A 333 -28.14 -33.48 6.19
C SER A 333 -26.85 -33.96 6.85
N ARG A 334 -26.43 -33.22 7.88
CA ARG A 334 -25.28 -33.56 8.73
C ARG A 334 -23.97 -33.60 7.94
N GLN A 335 -23.72 -32.50 7.22
CA GLN A 335 -22.54 -32.31 6.39
C GLN A 335 -21.84 -31.01 6.76
N ASP A 336 -20.51 -31.03 6.74
CA ASP A 336 -19.73 -29.80 6.78
C ASP A 336 -19.89 -29.13 5.42
N THR A 337 -20.35 -27.87 5.43
CA THR A 337 -20.76 -27.17 4.22
C THR A 337 -20.21 -25.74 4.21
N THR A 338 -19.66 -25.34 3.08
CA THR A 338 -19.21 -23.97 2.87
C THR A 338 -20.34 -23.18 2.23
N LEU A 339 -20.67 -22.03 2.80
CA LEU A 339 -21.71 -21.16 2.27
C LEU A 339 -21.07 -20.07 1.43
N VAL A 340 -21.53 -19.95 0.18
CA VAL A 340 -20.99 -18.99 -0.77
C VAL A 340 -22.12 -18.21 -1.45
N GLY A 341 -21.76 -17.11 -2.09
CA GLY A 341 -22.71 -16.28 -2.83
C GLY A 341 -22.70 -16.59 -4.31
N GLN A 342 -23.15 -15.62 -5.11
CA GLN A 342 -23.21 -15.73 -6.58
C GLN A 342 -21.91 -15.32 -7.29
N LEU A 343 -20.95 -14.74 -6.57
CA LEU A 343 -19.77 -14.16 -7.22
C LEU A 343 -18.84 -15.21 -7.84
N CYS A 344 -18.01 -14.75 -8.78
CA CYS A 344 -17.07 -15.60 -9.52
C CYS A 344 -15.67 -15.63 -8.89
N THR A 345 -15.53 -15.12 -7.67
CA THR A 345 -14.28 -15.18 -6.92
C THR A 345 -14.38 -16.28 -5.85
N PRO A 346 -13.30 -17.06 -5.62
CA PRO A 346 -13.33 -18.04 -4.53
C PRO A 346 -13.30 -17.44 -3.12
N LYS A 347 -13.09 -16.12 -3.01
CA LYS A 347 -13.16 -15.42 -1.72
C LYS A 347 -14.58 -15.05 -1.28
N ASP A 348 -15.57 -15.35 -2.11
CA ASP A 348 -16.99 -15.11 -1.79
C ASP A 348 -17.53 -16.20 -0.86
N VAL A 349 -17.14 -16.13 0.41
CA VAL A 349 -17.45 -17.17 1.40
C VAL A 349 -18.04 -16.53 2.66
N PHE A 350 -19.26 -16.92 3.00
CA PHE A 350 -19.93 -16.49 4.24
C PHE A 350 -19.45 -17.29 5.44
N ALA A 351 -19.32 -18.60 5.25
CA ALA A 351 -18.82 -19.51 6.28
C ALA A 351 -18.23 -20.76 5.63
N ARG A 352 -17.19 -21.31 6.23
CA ARG A 352 -16.36 -22.35 5.65
C ARG A 352 -16.41 -23.65 6.47
N GLU A 353 -16.81 -24.74 5.83
CA GLU A 353 -16.82 -26.08 6.45
C GLU A 353 -17.57 -26.12 7.79
N VAL A 354 -18.79 -25.59 7.78
CA VAL A 354 -19.63 -25.50 8.97
C VAL A 354 -20.66 -26.64 8.93
N GLN A 355 -20.76 -27.38 10.03
CA GLN A 355 -21.72 -28.48 10.17
C GLN A 355 -23.14 -27.93 10.07
N ILE A 356 -23.89 -28.38 9.06
CA ILE A 356 -25.29 -28.03 8.89
C ILE A 356 -26.15 -29.27 9.16
N ASP A 357 -27.20 -29.10 9.98
N ASP A 357 -27.20 -29.11 9.98
CA ASP A 357 -28.06 -30.21 10.39
CA ASP A 357 -28.05 -30.22 10.38
C ASP A 357 -28.93 -30.75 9.25
C ASP A 357 -28.92 -30.75 9.23
N ALA A 358 -29.51 -29.84 8.46
CA ALA A 358 -30.32 -30.20 7.29
C ALA A 358 -30.53 -28.98 6.42
N ILE A 359 -30.32 -29.12 5.11
CA ILE A 359 -30.54 -28.04 4.17
C ILE A 359 -30.87 -28.55 2.78
N SER A 360 -31.77 -27.83 2.11
CA SER A 360 -32.15 -28.10 0.74
C SER A 360 -32.05 -26.82 -0.10
N THR A 361 -32.08 -27.00 -1.42
CA THR A 361 -32.26 -25.88 -2.34
C THR A 361 -33.64 -25.30 -2.09
N GLY A 362 -33.73 -23.97 -2.06
CA GLY A 362 -34.98 -23.28 -1.76
C GLY A 362 -35.19 -22.91 -0.30
N ASP A 363 -34.38 -23.45 0.61
CA ASP A 363 -34.37 -23.02 2.01
C ASP A 363 -33.72 -21.64 2.11
N VAL A 364 -33.87 -21.00 3.27
CA VAL A 364 -33.36 -19.66 3.50
C VAL A 364 -32.33 -19.69 4.63
N ILE A 365 -31.16 -19.12 4.36
CA ILE A 365 -30.12 -18.88 5.37
C ILE A 365 -30.38 -17.49 5.98
N VAL A 366 -30.27 -17.42 7.30
CA VAL A 366 -30.49 -16.20 8.07
C VAL A 366 -29.21 -15.88 8.83
N PHE A 367 -28.37 -15.01 8.27
CA PHE A 367 -27.17 -14.54 8.96
C PHE A 367 -27.55 -13.51 10.01
N LYS A 368 -27.26 -13.83 11.27
CA LYS A 368 -27.57 -12.94 12.40
C LYS A 368 -26.44 -11.93 12.56
N TYR A 369 -26.67 -10.93 13.41
CA TYR A 369 -25.67 -9.92 13.77
C TYR A 369 -25.01 -9.30 12.52
N ALA A 370 -25.85 -8.91 11.56
CA ALA A 370 -25.40 -8.37 10.28
C ALA A 370 -25.71 -6.88 10.14
N GLY A 371 -26.02 -6.20 11.25
CA GLY A 371 -26.44 -4.81 11.23
C GLY A 371 -25.33 -3.77 11.24
N ALA A 372 -24.16 -4.17 11.74
CA ALA A 372 -23.00 -3.28 11.87
C ALA A 372 -21.90 -3.72 10.93
N TYR A 373 -21.46 -2.80 10.07
CA TYR A 373 -20.42 -3.07 9.07
C TYR A 373 -20.76 -4.31 8.23
N GLY A 374 -22.00 -4.35 7.76
CA GLY A 374 -22.46 -5.37 6.83
C GLY A 374 -22.53 -4.73 5.46
N TRP A 375 -23.68 -4.12 5.16
CA TRP A 375 -23.88 -3.39 3.92
C TRP A 375 -22.92 -2.21 3.78
N SER A 376 -22.65 -1.51 4.87
CA SER A 376 -21.86 -0.26 4.84
C SER A 376 -20.41 -0.44 4.38
N ILE A 377 -19.82 -1.62 4.60
CA ILE A 377 -18.43 -1.90 4.18
C ILE A 377 -18.31 -2.68 2.86
N SER A 378 -19.44 -3.01 2.25
CA SER A 378 -19.47 -3.97 1.15
C SER A 378 -19.37 -3.30 -0.22
N HIS A 379 -18.95 -4.10 -1.21
CA HIS A 379 -18.61 -3.60 -2.55
C HIS A 379 -19.81 -3.86 -3.46
N HIS A 380 -20.83 -3.02 -3.26
CA HIS A 380 -22.22 -3.28 -3.70
C HIS A 380 -22.38 -3.66 -5.16
N ASP A 381 -21.60 -3.04 -6.04
CA ASP A 381 -21.80 -3.17 -7.49
C ASP A 381 -20.76 -4.05 -8.21
N PHE A 382 -19.95 -4.81 -7.45
CA PHE A 382 -19.03 -5.76 -8.06
C PHE A 382 -19.81 -6.89 -8.72
N LEU A 383 -19.57 -7.06 -10.02
CA LEU A 383 -20.37 -7.95 -10.90
C LEU A 383 -21.82 -7.49 -11.12
N SER A 384 -22.11 -6.22 -10.82
CA SER A 384 -23.36 -5.56 -11.18
C SER A 384 -24.65 -6.30 -10.80
N HIS A 385 -24.66 -6.94 -9.63
CA HIS A 385 -25.88 -7.59 -9.16
C HIS A 385 -26.85 -6.55 -8.60
N PRO A 386 -28.17 -6.82 -8.70
CA PRO A 386 -29.12 -5.90 -8.09
C PRO A 386 -28.98 -5.92 -6.58
N HIS A 387 -29.21 -4.78 -5.95
CA HIS A 387 -29.06 -4.64 -4.50
C HIS A 387 -30.11 -5.49 -3.79
N PRO A 388 -29.82 -5.92 -2.54
CA PRO A 388 -30.84 -6.61 -1.77
C PRO A 388 -31.92 -5.64 -1.34
N GLU A 389 -33.13 -6.14 -1.13
CA GLU A 389 -34.24 -5.33 -0.66
C GLU A 389 -34.04 -5.04 0.84
N PHE A 390 -34.46 -3.85 1.27
CA PHE A 390 -34.30 -3.41 2.66
C PHE A 390 -35.67 -3.29 3.33
N ILE A 391 -35.87 -4.08 4.39
CA ILE A 391 -37.09 -4.04 5.19
C ILE A 391 -36.73 -3.62 6.62
N TYR A 392 -37.52 -2.70 7.17
CA TYR A 392 -37.33 -2.21 8.53
C TYR A 392 -38.60 -2.48 9.34
N LEU A 393 -38.54 -3.45 10.25
CA LEU A 393 -39.70 -3.87 11.04
C LEU A 393 -39.94 -2.90 12.20
N THR A 394 -41.18 -2.41 12.33
CA THR A 394 -41.53 -1.36 13.30
C THR A 394 -42.65 -1.67 14.30
N GLN A 395 -43.34 -2.81 14.16
CA GLN A 395 -44.48 -3.18 15.03
C GLN A 395 -44.22 -4.51 15.73
N MET B 1 4.48 8.01 -15.23
CA MET B 1 4.36 9.50 -14.99
C MET B 1 4.04 10.31 -16.25
N ARG B 2 4.70 9.99 -17.37
CA ARG B 2 4.53 10.72 -18.63
C ARG B 2 3.08 10.85 -19.11
N ILE B 3 2.30 9.78 -18.92
CA ILE B 3 0.89 9.75 -19.31
C ILE B 3 0.02 10.63 -18.39
N VAL B 4 0.21 10.49 -17.08
CA VAL B 4 -0.64 11.18 -16.08
C VAL B 4 -0.22 12.61 -15.71
N GLN B 5 1.06 12.96 -15.88
CA GLN B 5 1.59 14.26 -15.42
C GLN B 5 0.92 15.50 -16.05
N PRO B 6 0.69 15.49 -17.39
CA PRO B 6 -0.10 16.59 -17.99
C PRO B 6 -1.49 16.78 -17.37
N VAL B 7 -2.11 15.69 -16.92
CA VAL B 7 -3.43 15.73 -16.29
C VAL B 7 -3.30 16.29 -14.86
N ILE B 8 -2.30 15.81 -14.12
CA ILE B 8 -2.05 16.29 -12.74
C ILE B 8 -1.73 17.78 -12.72
N GLU B 9 -0.90 18.24 -13.65
CA GLU B 9 -0.52 19.66 -13.73
C GLU B 9 -1.69 20.60 -14.07
N GLN B 10 -2.61 20.13 -14.92
CA GLN B 10 -3.84 20.88 -15.22
C GLN B 10 -4.73 21.01 -13.98
N LEU B 11 -4.90 19.90 -13.26
CA LEU B 11 -5.69 19.87 -12.01
C LEU B 11 -5.11 20.78 -10.93
N LYS B 12 -3.78 20.81 -10.83
CA LYS B 12 -3.07 21.73 -9.93
C LYS B 12 -3.22 23.20 -10.35
N ALA B 13 -3.04 23.46 -11.65
CA ALA B 13 -3.18 24.81 -12.21
C ALA B 13 -4.59 25.39 -12.04
N GLN B 14 -5.60 24.52 -12.05
CA GLN B 14 -7.01 24.91 -11.87
C GLN B 14 -7.49 24.85 -10.42
N SER B 15 -6.58 24.51 -9.48
CA SER B 15 -6.90 24.31 -8.05
C SER B 15 -8.01 23.28 -7.79
N HIS B 16 -8.04 22.22 -8.60
CA HIS B 16 -8.93 21.08 -8.36
C HIS B 16 -8.18 20.07 -7.50
N PRO B 17 -8.80 19.59 -6.40
CA PRO B 17 -8.13 18.53 -5.64
C PRO B 17 -7.96 17.25 -6.45
N VAL B 18 -6.79 16.62 -6.32
CA VAL B 18 -6.46 15.41 -7.07
C VAL B 18 -6.90 14.19 -6.26
N CYS B 19 -8.03 13.62 -6.66
CA CYS B 19 -8.38 12.24 -6.34
C CYS B 19 -9.12 11.66 -7.55
N HIS B 20 -8.34 11.10 -8.48
CA HIS B 20 -8.85 10.71 -9.79
C HIS B 20 -8.52 9.28 -10.19
N TYR B 21 -9.36 8.74 -11.06
CA TYR B 21 -9.02 7.58 -11.88
C TYR B 21 -8.72 8.10 -13.29
N ILE B 22 -7.54 7.76 -13.81
CA ILE B 22 -7.14 8.13 -15.18
C ILE B 22 -6.95 6.85 -15.99
N TYR B 23 -7.56 6.82 -17.17
CA TYR B 23 -7.47 5.68 -18.10
C TYR B 23 -6.91 6.13 -19.44
N ASP B 24 -5.94 5.39 -19.94
CA ASP B 24 -5.32 5.64 -21.23
C ASP B 24 -6.00 4.75 -22.28
N LEU B 25 -6.98 5.32 -22.99
CA LEU B 25 -7.76 4.58 -24.00
C LEU B 25 -6.96 4.29 -25.27
N VAL B 26 -6.00 5.15 -25.61
CA VAL B 26 -5.14 4.94 -26.78
C VAL B 26 -4.30 3.66 -26.57
N GLY B 27 -3.64 3.59 -25.43
CA GLY B 27 -2.89 2.41 -25.01
C GLY B 27 -3.72 1.14 -24.85
N LEU B 28 -4.99 1.31 -24.46
CA LEU B 28 -5.94 0.20 -24.38
C LEU B 28 -6.28 -0.37 -25.76
N GLU B 29 -6.57 0.52 -26.71
CA GLU B 29 -6.86 0.13 -28.11
C GLU B 29 -5.67 -0.53 -28.78
N HIS B 30 -4.49 0.07 -28.60
CA HIS B 30 -3.22 -0.49 -29.11
C HIS B 30 -2.95 -1.89 -28.56
N HIS B 31 -3.13 -2.04 -27.25
CA HIS B 31 -2.99 -3.32 -26.56
C HIS B 31 -3.97 -4.38 -27.07
N LEU B 32 -5.22 -3.97 -27.31
CA LEU B 32 -6.26 -4.89 -27.81
C LEU B 32 -6.07 -5.30 -29.26
N GLN B 33 -5.64 -4.35 -30.09
CA GLN B 33 -5.34 -4.61 -31.50
C GLN B 33 -4.32 -5.74 -31.62
N HIS B 34 -3.24 -5.62 -30.85
CA HIS B 34 -2.17 -6.61 -30.83
C HIS B 34 -2.62 -8.00 -30.38
N ILE B 35 -3.35 -8.05 -29.26
CA ILE B 35 -3.78 -9.32 -28.65
C ILE B 35 -4.74 -10.11 -29.55
N THR B 36 -5.78 -9.44 -30.06
CA THR B 36 -6.83 -10.09 -30.84
C THR B 36 -6.35 -10.53 -32.23
N SER B 37 -5.50 -9.72 -32.85
CA SER B 37 -4.94 -10.01 -34.18
C SER B 37 -3.92 -11.15 -34.17
N SER B 38 -3.19 -11.30 -33.07
CA SER B 38 -2.22 -12.40 -32.92
C SER B 38 -2.88 -13.78 -32.84
N LEU B 39 -4.13 -13.83 -32.37
CA LEU B 39 -4.84 -15.10 -32.20
C LEU B 39 -5.06 -15.83 -33.53
N PRO B 40 -5.12 -17.18 -33.49
CA PRO B 40 -5.50 -17.93 -34.69
C PRO B 40 -6.96 -17.72 -35.08
N SER B 41 -7.30 -18.09 -36.32
CA SER B 41 -8.65 -17.88 -36.88
C SER B 41 -9.77 -18.58 -36.11
N ASN B 42 -9.49 -19.76 -35.56
CA ASN B 42 -10.49 -20.51 -34.77
C ASN B 42 -10.65 -20.04 -33.31
N CYS B 43 -9.75 -19.19 -32.83
CA CYS B 43 -9.81 -18.67 -31.45
C CYS B 43 -10.38 -17.24 -31.39
N GLN B 44 -11.05 -16.93 -30.28
CA GLN B 44 -11.71 -15.65 -30.07
C GLN B 44 -11.31 -15.08 -28.71
N MET B 45 -11.51 -13.77 -28.55
CA MET B 45 -11.22 -13.07 -27.29
C MET B 45 -12.49 -12.37 -26.81
N TYR B 46 -12.99 -12.82 -25.66
CA TYR B 46 -14.08 -12.15 -24.97
C TYR B 46 -13.51 -11.34 -23.81
N TYR B 47 -14.07 -10.14 -23.60
CA TYR B 47 -13.68 -9.30 -22.47
C TYR B 47 -14.56 -9.60 -21.25
N ALA B 48 -13.92 -9.96 -20.13
CA ALA B 48 -14.63 -10.23 -18.87
C ALA B 48 -14.77 -8.93 -18.10
N MET B 49 -15.96 -8.34 -18.13
CA MET B 49 -16.16 -6.99 -17.60
C MET B 49 -16.13 -6.85 -16.07
N ALA B 50 -16.04 -7.97 -15.35
CA ALA B 50 -15.76 -7.97 -13.90
C ALA B 50 -14.61 -7.04 -13.51
N ALA B 51 -13.50 -7.13 -14.27
CA ALA B 51 -12.31 -6.30 -14.07
C ALA B 51 -12.58 -4.80 -14.17
N ASN B 52 -13.45 -4.42 -15.11
CA ASN B 52 -13.85 -3.02 -15.29
C ASN B 52 -15.07 -2.96 -16.22
N SER B 53 -16.22 -2.56 -15.70
CA SER B 53 -17.43 -2.40 -16.50
C SER B 53 -17.91 -0.95 -16.57
N GLU B 54 -17.00 0.01 -16.44
CA GLU B 54 -17.31 1.43 -16.65
C GLU B 54 -17.72 1.59 -18.12
N ARG B 55 -18.78 2.36 -18.36
CA ARG B 55 -19.39 2.41 -19.71
C ARG B 55 -18.41 2.83 -20.81
N THR B 56 -17.56 3.81 -20.54
CA THR B 56 -16.56 4.28 -21.51
C THR B 56 -15.52 3.20 -21.84
N ILE B 57 -15.13 2.41 -20.84
CA ILE B 57 -14.21 1.30 -21.04
C ILE B 57 -14.83 0.26 -21.99
N LEU B 58 -16.10 -0.08 -21.76
CA LEU B 58 -16.81 -1.05 -22.60
C LEU B 58 -17.05 -0.53 -24.03
N ASP B 59 -17.36 0.76 -24.13
CA ASP B 59 -17.51 1.45 -25.43
C ASP B 59 -16.25 1.29 -26.27
N THR B 60 -15.10 1.59 -25.67
CA THR B 60 -13.79 1.46 -26.32
C THR B 60 -13.45 0.00 -26.68
N ILE B 61 -13.68 -0.92 -25.75
CA ILE B 61 -13.30 -2.34 -25.92
C ILE B 61 -14.14 -3.07 -26.96
N SER B 62 -15.44 -2.77 -27.02
CA SER B 62 -16.40 -3.52 -27.87
C SER B 62 -15.94 -3.75 -29.31
N GLN B 63 -15.38 -2.71 -29.91
CA GLN B 63 -14.92 -2.75 -31.31
C GLN B 63 -13.88 -3.85 -31.59
N TYR B 64 -13.00 -4.10 -30.64
CA TYR B 64 -11.85 -5.01 -30.84
C TYR B 64 -12.10 -6.45 -30.41
N VAL B 65 -12.99 -6.68 -29.45
CA VAL B 65 -13.26 -8.02 -28.93
C VAL B 65 -14.42 -8.70 -29.66
N GLU B 66 -14.42 -10.03 -29.63
CA GLU B 66 -15.53 -10.84 -30.16
C GLU B 66 -16.81 -10.53 -29.40
N GLY B 67 -16.69 -10.47 -28.09
CA GLY B 67 -17.85 -10.20 -27.23
C GLY B 67 -17.48 -9.98 -25.78
N PHE B 68 -18.49 -10.05 -24.93
CA PHE B 68 -18.32 -9.86 -23.49
C PHE B 68 -18.62 -11.15 -22.72
N GLU B 69 -17.81 -11.41 -21.69
CA GLU B 69 -18.12 -12.43 -20.70
C GLU B 69 -18.72 -11.73 -19.50
N VAL B 70 -19.85 -12.25 -19.03
CA VAL B 70 -20.65 -11.60 -17.98
C VAL B 70 -21.01 -12.60 -16.88
N ALA B 71 -21.19 -12.09 -15.67
CA ALA B 71 -21.47 -12.89 -14.48
C ALA B 71 -22.82 -12.61 -13.83
N SER B 72 -23.64 -11.75 -14.44
CA SER B 72 -24.97 -11.43 -13.93
C SER B 72 -25.83 -10.74 -14.99
N GLN B 73 -27.12 -10.63 -14.71
CA GLN B 73 -28.04 -9.89 -15.58
C GLN B 73 -27.67 -8.41 -15.72
N GLY B 74 -27.10 -7.84 -14.66
CA GLY B 74 -26.60 -6.47 -14.69
C GLY B 74 -25.42 -6.28 -15.64
N GLU B 75 -24.54 -7.27 -15.70
CA GLU B 75 -23.44 -7.27 -16.67
C GLU B 75 -23.91 -7.56 -18.11
N ILE B 76 -24.95 -8.38 -18.25
CA ILE B 76 -25.61 -8.57 -19.56
C ILE B 76 -26.15 -7.23 -20.08
N ALA B 77 -26.86 -6.51 -19.23
CA ALA B 77 -27.46 -5.22 -19.58
C ALA B 77 -26.42 -4.18 -19.99
N LYS B 78 -25.30 -4.14 -19.27
CA LYS B 78 -24.17 -3.27 -19.61
C LYS B 78 -23.51 -3.68 -20.93
N GLY B 79 -23.41 -4.99 -21.16
CA GLY B 79 -22.87 -5.53 -22.41
C GLY B 79 -23.74 -5.25 -23.62
N LEU B 80 -25.06 -5.35 -23.45
CA LEU B 80 -26.03 -5.08 -24.53
C LEU B 80 -26.04 -3.63 -25.04
N ALA B 81 -25.45 -2.71 -24.28
CA ALA B 81 -25.21 -1.34 -24.75
C ALA B 81 -24.33 -1.25 -25.99
N PHE B 82 -23.38 -2.19 -26.12
CA PHE B 82 -22.40 -2.19 -27.21
C PHE B 82 -22.27 -3.47 -28.04
N LYS B 83 -22.91 -4.57 -27.62
CA LYS B 83 -22.83 -5.85 -28.31
C LYS B 83 -24.22 -6.50 -28.44
N PRO B 84 -24.43 -7.31 -29.50
CA PRO B 84 -25.65 -8.13 -29.54
C PRO B 84 -25.60 -9.26 -28.52
N ALA B 85 -26.77 -9.76 -28.14
CA ALA B 85 -26.88 -10.83 -27.14
C ALA B 85 -26.07 -12.07 -27.52
N ASN B 86 -26.15 -12.47 -28.78
CA ASN B 86 -25.37 -13.63 -29.28
C ASN B 86 -23.85 -13.40 -29.40
N HIS B 87 -23.33 -12.30 -28.86
CA HIS B 87 -21.91 -12.15 -28.58
C HIS B 87 -21.69 -11.86 -27.09
N ILE B 88 -22.61 -12.36 -26.24
CA ILE B 88 -22.47 -12.27 -24.79
C ILE B 88 -22.52 -13.70 -24.25
N ILE B 89 -21.56 -14.03 -23.38
CA ILE B 89 -21.45 -15.38 -22.79
C ILE B 89 -21.54 -15.29 -21.27
N PHE B 90 -22.40 -16.11 -20.68
CA PHE B 90 -22.84 -15.96 -19.29
C PHE B 90 -22.32 -17.10 -18.41
N GLY B 91 -21.46 -16.77 -17.46
CA GLY B 91 -20.93 -17.72 -16.46
C GLY B 91 -21.30 -17.34 -15.05
N GLY B 92 -21.15 -18.28 -14.12
CA GLY B 92 -21.40 -18.04 -12.68
C GLY B 92 -22.04 -19.21 -11.96
N PRO B 93 -21.66 -19.42 -10.68
CA PRO B 93 -22.14 -20.58 -9.90
C PRO B 93 -23.56 -20.47 -9.34
N GLY B 94 -24.16 -19.28 -9.38
CA GLY B 94 -25.49 -19.07 -8.81
C GLY B 94 -26.37 -18.19 -9.67
N LYS B 95 -26.62 -18.63 -10.90
CA LYS B 95 -27.50 -17.92 -11.81
C LYS B 95 -28.95 -18.14 -11.38
N THR B 96 -29.65 -17.05 -11.10
CA THR B 96 -31.03 -17.13 -10.61
C THR B 96 -31.98 -17.44 -11.76
N ASP B 97 -33.18 -17.90 -11.44
CA ASP B 97 -34.24 -18.12 -12.45
C ASP B 97 -34.51 -16.85 -13.26
N GLU B 98 -34.46 -15.71 -12.59
CA GLU B 98 -34.70 -14.40 -13.20
C GLU B 98 -33.61 -14.13 -14.24
N GLU B 99 -32.35 -14.32 -13.85
CA GLU B 99 -31.21 -14.15 -14.74
C GLU B 99 -31.23 -15.12 -15.92
N LEU B 100 -31.57 -16.38 -15.66
CA LEU B 100 -31.67 -17.39 -16.73
C LEU B 100 -32.78 -17.05 -17.73
N ARG B 101 -33.95 -16.65 -17.23
CA ARG B 101 -35.07 -16.26 -18.10
C ARG B 101 -34.75 -14.97 -18.89
N TYR B 102 -34.10 -14.02 -18.24
CA TYR B 102 -33.64 -12.79 -18.89
C TYR B 102 -32.58 -13.09 -19.96
N ALA B 103 -31.64 -13.99 -19.64
CA ALA B 103 -30.61 -14.44 -20.57
C ALA B 103 -31.20 -15.14 -21.80
N VAL B 104 -32.19 -16.00 -21.55
CA VAL B 104 -32.92 -16.69 -22.63
C VAL B 104 -33.77 -15.70 -23.45
N SER B 105 -34.45 -14.77 -22.78
CA SER B 105 -35.25 -13.73 -23.43
C SER B 105 -34.42 -12.87 -24.39
N GLU B 106 -33.28 -12.39 -23.90
CA GLU B 106 -32.35 -11.59 -24.70
C GLU B 106 -31.63 -12.45 -25.76
N GLY B 107 -31.46 -13.74 -25.48
CA GLY B 107 -30.86 -14.67 -26.43
C GLY B 107 -29.34 -14.64 -26.40
N VAL B 108 -28.77 -14.75 -25.20
CA VAL B 108 -27.32 -14.72 -25.03
C VAL B 108 -26.65 -15.93 -25.71
N GLN B 109 -25.42 -15.74 -26.18
CA GLN B 109 -24.75 -16.74 -27.01
C GLN B 109 -24.62 -18.10 -26.33
N ARG B 110 -24.07 -18.08 -25.12
CA ARG B 110 -23.92 -19.29 -24.32
C ARG B 110 -24.15 -19.02 -22.85
N ILE B 111 -24.66 -20.03 -22.16
CA ILE B 111 -24.72 -20.06 -20.71
C ILE B 111 -23.75 -21.17 -20.28
N HIS B 112 -22.79 -20.81 -19.42
CA HIS B 112 -21.80 -21.76 -18.92
C HIS B 112 -22.35 -22.42 -17.66
N VAL B 113 -22.97 -23.58 -17.85
CA VAL B 113 -23.69 -24.27 -16.78
C VAL B 113 -22.72 -24.91 -15.81
N GLU B 114 -22.91 -24.64 -14.51
CA GLU B 114 -21.99 -25.03 -13.45
C GLU B 114 -22.52 -26.16 -12.55
N SER B 115 -23.73 -26.64 -12.78
CA SER B 115 -24.27 -27.76 -12.01
C SER B 115 -25.41 -28.47 -12.71
N MET B 116 -25.73 -29.65 -12.21
CA MET B 116 -26.87 -30.43 -12.67
C MET B 116 -28.18 -29.72 -12.34
N HIS B 117 -28.26 -29.11 -11.16
CA HIS B 117 -29.46 -28.39 -10.72
C HIS B 117 -29.71 -27.14 -11.59
N GLU B 118 -28.64 -26.44 -11.96
CA GLU B 118 -28.74 -25.28 -12.86
C GLU B 118 -29.26 -25.68 -14.23
N LEU B 119 -28.67 -26.74 -14.78
CA LEU B 119 -29.11 -27.33 -16.06
C LEU B 119 -30.62 -27.56 -16.09
N GLN B 120 -31.14 -28.13 -15.00
CA GLN B 120 -32.58 -28.42 -14.88
C GLN B 120 -33.43 -27.17 -14.72
N ARG B 121 -32.92 -26.20 -13.97
CA ARG B 121 -33.60 -24.89 -13.84
C ARG B 121 -33.65 -24.18 -15.20
N LEU B 122 -32.54 -24.23 -15.92
CA LEU B 122 -32.47 -23.66 -17.28
C LEU B 122 -33.42 -24.38 -18.23
N ASN B 123 -33.34 -25.71 -18.24
CA ASN B 123 -34.16 -26.53 -19.13
C ASN B 123 -35.67 -26.32 -18.92
N ALA B 124 -36.08 -26.16 -17.66
CA ALA B 124 -37.47 -25.85 -17.33
C ALA B 124 -37.94 -24.51 -17.93
N ILE B 125 -37.07 -23.49 -17.86
CA ILE B 125 -37.37 -22.19 -18.49
C ILE B 125 -37.46 -22.32 -20.02
N LEU B 126 -36.56 -23.12 -20.60
CA LEU B 126 -36.54 -23.34 -22.06
C LEU B 126 -37.79 -24.05 -22.56
N GLU B 127 -38.27 -25.06 -21.82
CA GLU B 127 -39.53 -25.74 -22.15
C GLU B 127 -40.73 -24.80 -21.96
N ASP B 128 -40.69 -23.96 -20.94
CA ASP B 128 -41.75 -22.98 -20.67
C ASP B 128 -41.82 -21.91 -21.76
N GLU B 129 -40.68 -21.35 -22.14
CA GLU B 129 -40.59 -20.34 -23.20
C GLU B 129 -40.64 -20.94 -24.61
N ASP B 130 -40.37 -22.24 -24.73
CA ASP B 130 -40.27 -22.95 -26.00
C ASP B 130 -39.11 -22.40 -26.86
N LYS B 131 -37.94 -22.33 -26.23
CA LYS B 131 -36.71 -21.91 -26.91
C LYS B 131 -35.63 -22.98 -26.73
N THR B 132 -34.52 -22.79 -27.42
CA THR B 132 -33.32 -23.62 -27.24
C THR B 132 -32.17 -22.73 -26.80
N GLN B 133 -31.14 -23.35 -26.23
CA GLN B 133 -29.99 -22.63 -25.69
C GLN B 133 -28.70 -23.41 -25.87
N HIS B 134 -27.71 -22.77 -26.48
CA HIS B 134 -26.35 -23.28 -26.52
C HIS B 134 -25.70 -23.15 -25.15
N ILE B 135 -25.04 -24.22 -24.70
CA ILE B 135 -24.36 -24.23 -23.41
C ILE B 135 -22.96 -24.82 -23.50
N LEU B 136 -22.17 -24.50 -22.49
CA LEU B 136 -20.97 -25.25 -22.16
C LEU B 136 -21.18 -25.75 -20.75
N LEU B 137 -20.64 -26.92 -20.43
CA LEU B 137 -20.58 -27.39 -19.05
C LEU B 137 -19.26 -26.93 -18.47
N ARG B 138 -19.32 -26.19 -17.36
CA ARG B 138 -18.11 -25.77 -16.68
C ARG B 138 -17.59 -26.89 -15.80
N VAL B 139 -16.30 -27.21 -15.97
CA VAL B 139 -15.66 -28.35 -15.32
C VAL B 139 -14.68 -27.87 -14.26
N ASN B 140 -14.66 -28.58 -13.12
CA ASN B 140 -13.67 -28.41 -12.08
C ASN B 140 -12.77 -29.65 -12.06
N LEU B 141 -11.58 -29.52 -12.66
CA LEU B 141 -10.64 -30.64 -12.80
C LEU B 141 -9.92 -30.93 -11.48
N ALA B 142 -9.64 -32.22 -11.24
CA ALA B 142 -8.94 -32.65 -10.02
C ALA B 142 -7.43 -32.35 -10.10
N GLY B 154 -8.52 -27.76 -9.26
CA GLY B 154 -7.45 -28.46 -8.55
C GLY B 154 -7.79 -28.79 -7.11
N ARG B 155 -8.42 -27.85 -6.41
CA ARG B 155 -8.85 -27.98 -5.02
C ARG B 155 -10.37 -27.83 -4.94
N PRO B 156 -10.97 -28.11 -3.75
CA PRO B 156 -12.40 -27.84 -3.62
C PRO B 156 -12.72 -26.35 -3.71
N THR B 157 -13.51 -25.98 -4.72
CA THR B 157 -14.12 -24.65 -4.80
C THR B 157 -15.60 -24.84 -5.15
N GLN B 158 -16.34 -23.73 -5.14
CA GLN B 158 -17.77 -23.74 -5.49
C GLN B 158 -18.08 -23.76 -6.99
N PHE B 159 -17.05 -23.67 -7.83
CA PHE B 159 -17.24 -23.44 -9.26
C PHE B 159 -17.27 -24.71 -10.09
N GLY B 160 -18.27 -24.78 -10.97
CA GLY B 160 -18.36 -25.85 -11.96
C GLY B 160 -18.73 -27.21 -11.42
N ILE B 161 -18.74 -28.18 -12.32
CA ILE B 161 -19.07 -29.57 -12.03
C ILE B 161 -17.78 -30.28 -11.69
N SER B 162 -17.75 -30.95 -10.54
CA SER B 162 -16.61 -31.80 -10.15
C SER B 162 -16.33 -32.83 -11.24
N GLU B 163 -15.05 -33.12 -11.48
CA GLU B 163 -14.63 -33.93 -12.64
C GLU B 163 -15.38 -35.26 -12.80
N ASP B 164 -15.56 -35.99 -11.71
CA ASP B 164 -16.26 -37.30 -11.76
C ASP B 164 -17.76 -37.17 -12.02
N GLU B 165 -18.36 -36.05 -11.62
CA GLU B 165 -19.76 -35.77 -11.90
C GLU B 165 -20.05 -35.40 -13.37
N VAL B 166 -19.03 -34.99 -14.13
CA VAL B 166 -19.20 -34.43 -15.48
C VAL B 166 -19.94 -35.38 -16.44
N ASP B 167 -19.60 -36.68 -16.38
CA ASP B 167 -20.21 -37.69 -17.25
C ASP B 167 -21.74 -37.70 -17.17
N ASP B 168 -22.26 -37.71 -15.95
CA ASP B 168 -23.70 -37.73 -15.72
C ASP B 168 -24.40 -36.45 -16.17
N VAL B 169 -23.71 -35.32 -16.09
CA VAL B 169 -24.27 -34.04 -16.55
C VAL B 169 -24.28 -33.97 -18.08
N ILE B 170 -23.26 -34.54 -18.73
CA ILE B 170 -23.24 -34.65 -20.20
C ILE B 170 -24.46 -35.45 -20.67
N GLU B 171 -24.62 -36.66 -20.15
CA GLU B 171 -25.72 -37.56 -20.54
C GLU B 171 -27.10 -36.94 -20.32
N ALA B 172 -27.25 -36.17 -19.25
CA ALA B 172 -28.49 -35.44 -18.96
C ALA B 172 -28.74 -34.32 -19.97
N ALA B 173 -27.69 -33.58 -20.33
CA ALA B 173 -27.79 -32.48 -21.30
C ALA B 173 -28.08 -32.96 -22.73
N LEU B 174 -27.48 -34.09 -23.11
CA LEU B 174 -27.66 -34.67 -24.44
C LEU B 174 -29.10 -35.15 -24.72
N VAL B 175 -29.79 -35.63 -23.70
CA VAL B 175 -31.19 -36.11 -23.85
C VAL B 175 -32.26 -35.01 -23.65
N MET B 176 -31.84 -33.82 -23.24
CA MET B 176 -32.72 -32.63 -23.24
C MET B 176 -32.68 -32.00 -24.64
N PRO B 177 -33.79 -32.09 -25.42
CA PRO B 177 -33.76 -31.51 -26.76
C PRO B 177 -33.56 -29.98 -26.83
N ASN B 178 -33.99 -29.25 -25.80
CA ASN B 178 -33.84 -27.79 -25.76
C ASN B 178 -32.40 -27.30 -25.48
N ILE B 179 -31.55 -28.21 -24.98
CA ILE B 179 -30.15 -27.90 -24.68
C ILE B 179 -29.29 -28.28 -25.88
N HIS B 180 -28.40 -27.37 -26.29
CA HIS B 180 -27.36 -27.64 -27.28
C HIS B 180 -26.01 -27.64 -26.58
N LEU B 181 -25.48 -28.85 -26.33
CA LEU B 181 -24.19 -28.99 -25.67
C LEU B 181 -23.07 -28.77 -26.69
N ASP B 182 -22.51 -27.56 -26.71
CA ASP B 182 -21.39 -27.21 -27.59
C ASP B 182 -20.09 -27.84 -27.13
N GLY B 183 -19.86 -27.84 -25.82
CA GLY B 183 -18.65 -28.41 -25.25
C GLY B 183 -18.42 -28.02 -23.81
N PHE B 184 -17.20 -27.62 -23.49
CA PHE B 184 -16.77 -27.44 -22.10
C PHE B 184 -16.19 -26.07 -21.81
N HIS B 185 -16.25 -25.69 -20.53
CA HIS B 185 -15.73 -24.43 -20.03
C HIS B 185 -14.78 -24.73 -18.87
N PHE B 186 -13.51 -24.35 -19.02
CA PHE B 186 -12.50 -24.52 -17.97
C PHE B 186 -12.01 -23.16 -17.49
N HIS B 187 -12.03 -22.94 -16.18
CA HIS B 187 -11.41 -21.77 -15.55
C HIS B 187 -10.91 -22.18 -14.17
N SER B 188 -9.72 -22.78 -14.13
CA SER B 188 -9.13 -23.30 -12.90
C SER B 188 -8.38 -22.22 -12.14
N ILE B 189 -7.48 -21.54 -12.85
CA ILE B 189 -6.52 -20.60 -12.26
C ILE B 189 -6.87 -19.16 -12.61
N SER B 190 -6.41 -18.25 -11.75
CA SER B 190 -6.37 -16.82 -12.07
C SER B 190 -5.00 -16.25 -11.71
N ASN B 191 -4.60 -15.22 -12.45
CA ASN B 191 -3.31 -14.56 -12.29
C ASN B 191 -2.07 -15.48 -12.39
N ASN B 192 -1.97 -16.15 -13.53
CA ASN B 192 -0.76 -16.91 -13.88
C ASN B 192 0.13 -16.08 -14.79
N LEU B 193 1.39 -15.95 -14.39
CA LEU B 193 2.39 -15.14 -15.11
C LEU B 193 3.27 -15.94 -16.07
N ASP B 194 3.21 -17.27 -15.98
CA ASP B 194 4.06 -18.18 -16.77
C ASP B 194 3.34 -18.59 -18.06
N SER B 195 3.87 -18.13 -19.20
CA SER B 195 3.31 -18.47 -20.51
C SER B 195 3.46 -19.94 -20.88
N ASN B 196 4.62 -20.53 -20.58
CA ASN B 196 4.87 -21.95 -20.82
C ASN B 196 3.92 -22.87 -20.04
N LEU B 197 3.68 -22.52 -18.79
CA LEU B 197 2.76 -23.27 -17.93
C LEU B 197 1.31 -23.16 -18.40
N HIS B 198 0.91 -21.97 -18.87
CA HIS B 198 -0.45 -21.75 -19.36
C HIS B 198 -0.76 -22.58 -20.61
N VAL B 199 0.26 -22.80 -21.45
CA VAL B 199 0.15 -23.71 -22.61
C VAL B 199 -0.13 -25.16 -22.16
N ASP B 200 0.50 -25.59 -21.06
CA ASP B 200 0.26 -26.93 -20.50
C ASP B 200 -1.12 -27.08 -19.85
N VAL B 201 -1.64 -25.99 -19.29
CA VAL B 201 -3.02 -25.94 -18.80
C VAL B 201 -4.00 -26.11 -19.97
N VAL B 202 -3.73 -25.42 -21.08
CA VAL B 202 -4.55 -25.55 -22.30
C VAL B 202 -4.48 -26.96 -22.88
N LYS B 203 -3.31 -27.60 -22.82
CA LYS B 203 -3.16 -28.99 -23.28
C LYS B 203 -4.04 -29.95 -22.49
N LEU B 204 -4.07 -29.75 -21.16
CA LEU B 204 -4.95 -30.51 -20.28
C LEU B 204 -6.41 -30.33 -20.66
N TYR B 205 -6.81 -29.08 -20.94
CA TYR B 205 -8.19 -28.78 -21.36
C TYR B 205 -8.57 -29.50 -22.65
N PHE B 206 -7.67 -29.51 -23.63
CA PHE B 206 -7.91 -30.19 -24.92
C PHE B 206 -8.08 -31.68 -24.75
N LYS B 207 -7.17 -32.32 -24.02
CA LYS B 207 -7.22 -33.76 -23.77
C LYS B 207 -8.46 -34.19 -22.99
N LYS B 208 -8.84 -33.40 -21.99
CA LYS B 208 -10.04 -33.65 -21.21
C LYS B 208 -11.30 -33.52 -22.07
N ALA B 209 -11.41 -32.41 -22.78
CA ALA B 209 -12.57 -32.13 -23.65
C ALA B 209 -12.75 -33.18 -24.75
N LYS B 210 -11.64 -33.61 -25.35
CA LYS B 210 -11.66 -34.65 -26.39
C LYS B 210 -12.09 -36.02 -25.84
N SER B 211 -11.65 -36.34 -24.63
CA SER B 211 -11.99 -37.63 -23.99
C SER B 211 -13.48 -37.78 -23.71
N TRP B 212 -14.11 -36.74 -23.16
CA TRP B 212 -15.55 -36.72 -22.94
C TRP B 212 -16.33 -36.76 -24.26
N SER B 213 -15.87 -35.98 -25.24
CA SER B 213 -16.47 -35.98 -26.59
C SER B 213 -16.41 -37.37 -27.25
N GLU B 214 -15.27 -38.04 -27.11
CA GLU B 214 -15.08 -39.38 -27.68
C GLU B 214 -15.84 -40.46 -26.90
N LYS B 215 -15.88 -40.33 -25.57
CA LYS B 215 -16.62 -41.25 -24.70
C LYS B 215 -18.13 -41.19 -24.94
N HIS B 216 -18.67 -39.98 -24.98
CA HIS B 216 -20.11 -39.75 -25.10
C HIS B 216 -20.63 -39.58 -26.53
N ARG B 217 -19.71 -39.42 -27.49
CA ARG B 217 -20.03 -39.31 -28.91
C ARG B 217 -20.98 -38.16 -29.23
N PHE B 218 -20.51 -36.94 -28.98
CA PHE B 218 -21.17 -35.72 -29.43
C PHE B 218 -20.10 -34.80 -30.00
N PRO B 219 -20.46 -33.91 -30.95
CA PRO B 219 -19.42 -33.07 -31.55
C PRO B 219 -18.83 -32.06 -30.57
N LEU B 220 -17.50 -32.10 -30.41
CA LEU B 220 -16.79 -31.09 -29.65
C LEU B 220 -16.72 -29.82 -30.49
N LYS B 221 -17.74 -28.98 -30.34
CA LYS B 221 -17.92 -27.78 -31.16
C LYS B 221 -17.10 -26.59 -30.63
N HIS B 222 -17.05 -26.44 -29.31
CA HIS B 222 -16.43 -25.27 -28.68
C HIS B 222 -15.79 -25.58 -27.32
N ILE B 223 -14.65 -24.95 -27.03
CA ILE B 223 -14.05 -24.99 -25.69
C ILE B 223 -13.78 -23.56 -25.25
N ASN B 224 -14.32 -23.19 -24.09
CA ASN B 224 -13.95 -21.94 -23.42
C ASN B 224 -12.77 -22.26 -22.50
N LEU B 225 -11.61 -21.71 -22.86
CA LEU B 225 -10.37 -21.96 -22.11
C LEU B 225 -10.21 -21.05 -20.88
N GLY B 226 -11.21 -20.21 -20.60
CA GLY B 226 -11.21 -19.38 -19.42
C GLY B 226 -10.33 -18.16 -19.61
N GLY B 227 -9.90 -17.61 -18.49
CA GLY B 227 -9.01 -16.46 -18.47
C GLY B 227 -7.87 -16.77 -17.54
N GLY B 228 -7.61 -15.86 -16.60
CA GLY B 228 -6.54 -16.03 -15.64
C GLY B 228 -5.15 -15.73 -16.18
N ILE B 229 -5.08 -14.90 -17.22
CA ILE B 229 -3.81 -14.43 -17.76
C ILE B 229 -3.32 -13.34 -16.81
N GLY B 230 -2.13 -13.55 -16.25
CA GLY B 230 -1.67 -12.78 -15.10
C GLY B 230 -1.15 -11.39 -15.39
N VAL B 231 -1.13 -10.58 -14.34
CA VAL B 231 -0.50 -9.26 -14.34
C VAL B 231 0.41 -9.21 -13.12
N ASN B 232 1.64 -8.74 -13.33
CA ASN B 232 2.65 -8.68 -12.29
C ASN B 232 2.60 -7.31 -11.60
N TYR B 233 2.21 -7.30 -10.33
CA TYR B 233 2.15 -6.08 -9.52
C TYR B 233 3.44 -5.83 -8.72
N ALA B 234 4.18 -6.89 -8.42
CA ALA B 234 5.46 -6.78 -7.70
C ALA B 234 6.56 -6.22 -8.60
N ASP B 235 6.75 -6.86 -9.75
CA ASP B 235 7.75 -6.48 -10.75
C ASP B 235 7.04 -6.10 -12.06
N LEU B 236 6.92 -4.79 -12.29
CA LEU B 236 6.20 -4.28 -13.48
C LEU B 236 6.84 -4.63 -14.83
N THR B 237 8.15 -4.91 -14.82
CA THR B 237 8.88 -5.27 -16.05
C THR B 237 8.66 -6.73 -16.51
N SER B 238 8.25 -7.61 -15.59
CA SER B 238 8.06 -9.04 -15.87
C SER B 238 6.59 -9.40 -16.04
N GLN B 239 6.00 -8.96 -17.15
CA GLN B 239 4.60 -9.23 -17.46
C GLN B 239 4.44 -10.55 -18.22
N PHE B 240 3.18 -10.95 -18.45
CA PHE B 240 2.86 -12.18 -19.17
C PHE B 240 3.37 -12.11 -20.61
N GLU B 241 4.17 -13.11 -20.98
CA GLU B 241 4.77 -13.18 -22.31
C GLU B 241 3.71 -13.67 -23.31
N TRP B 242 2.88 -12.73 -23.77
CA TRP B 242 1.75 -13.03 -24.63
C TRP B 242 2.16 -13.54 -26.02
N ASP B 243 3.16 -12.90 -26.63
CA ASP B 243 3.67 -13.33 -27.95
C ASP B 243 4.25 -14.73 -27.91
N ASN B 244 5.04 -15.03 -26.88
CA ASN B 244 5.56 -16.38 -26.65
C ASN B 244 4.44 -17.39 -26.41
N PHE B 245 3.41 -16.99 -25.65
CA PHE B 245 2.25 -17.83 -25.38
C PHE B 245 1.47 -18.18 -26.65
N VAL B 246 1.06 -17.15 -27.39
CA VAL B 246 0.24 -17.29 -28.60
C VAL B 246 0.87 -18.19 -29.67
N GLU B 247 2.17 -18.01 -29.90
CA GLU B 247 2.89 -18.78 -30.92
C GLU B 247 3.04 -20.26 -30.51
N ASN B 248 3.31 -20.53 -29.22
CA ASN B 248 3.29 -21.91 -28.69
C ASN B 248 1.87 -22.50 -28.58
N PHE B 249 0.90 -21.64 -28.27
CA PHE B 249 -0.52 -21.99 -28.25
C PHE B 249 -1.01 -22.42 -29.65
N LYS B 250 -0.54 -21.74 -30.69
CA LYS B 250 -0.82 -22.10 -32.09
C LYS B 250 -0.27 -23.49 -32.45
N THR B 251 0.96 -23.78 -32.02
CA THR B 251 1.58 -25.09 -32.21
C THR B 251 0.78 -26.21 -31.52
N LEU B 252 0.27 -25.93 -30.32
CA LEU B 252 -0.51 -26.92 -29.57
C LEU B 252 -1.82 -27.29 -30.27
N ILE B 253 -2.47 -26.29 -30.88
CA ILE B 253 -3.73 -26.52 -31.60
C ILE B 253 -3.56 -27.55 -32.72
N VAL B 254 -2.50 -27.40 -33.52
CA VAL B 254 -2.24 -28.32 -34.66
C VAL B 254 -1.75 -29.70 -34.19
N GLU B 255 -0.95 -29.74 -33.14
CA GLU B 255 -0.49 -31.01 -32.52
C GLU B 255 -1.66 -31.84 -32.00
N GLN B 256 -2.58 -31.19 -31.29
CA GLN B 256 -3.77 -31.84 -30.70
C GLN B 256 -4.99 -31.91 -31.62
N GLU B 257 -4.88 -31.36 -32.83
CA GLU B 257 -5.92 -31.42 -33.86
C GLU B 257 -7.22 -30.74 -33.39
N MET B 258 -7.11 -29.49 -32.97
CA MET B 258 -8.22 -28.69 -32.49
C MET B 258 -8.54 -27.54 -33.46
N GLU B 259 -8.25 -27.74 -34.74
CA GLU B 259 -8.39 -26.68 -35.75
C GLU B 259 -9.85 -26.44 -36.15
N ASP B 260 -10.67 -27.49 -36.13
CA ASP B 260 -12.11 -27.39 -36.36
C ASP B 260 -12.92 -27.08 -35.09
N VAL B 261 -12.26 -27.06 -33.94
CA VAL B 261 -12.87 -26.67 -32.67
C VAL B 261 -12.67 -25.17 -32.47
N THR B 262 -13.77 -24.42 -32.32
CA THR B 262 -13.69 -22.99 -32.02
C THR B 262 -13.35 -22.79 -30.55
N LEU B 263 -12.36 -21.94 -30.28
CA LEU B 263 -11.89 -21.68 -28.92
C LEU B 263 -12.19 -20.24 -28.52
N ASN B 264 -12.24 -19.98 -27.22
CA ASN B 264 -12.32 -18.61 -26.72
C ASN B 264 -11.67 -18.43 -25.35
N PHE B 265 -11.09 -17.25 -25.15
CA PHE B 265 -10.62 -16.79 -23.86
C PHE B 265 -11.61 -15.77 -23.32
N GLU B 266 -11.59 -15.60 -22.00
CA GLU B 266 -12.42 -14.62 -21.30
C GLU B 266 -11.52 -13.86 -20.32
N CYS B 267 -10.79 -12.88 -20.86
CA CYS B 267 -9.78 -12.13 -20.12
C CYS B 267 -10.33 -10.79 -19.63
N GLY B 268 -9.97 -10.44 -18.40
CA GLY B 268 -10.35 -9.17 -17.79
C GLY B 268 -9.12 -8.37 -17.39
N ARG B 269 -8.38 -8.90 -16.42
CA ARG B 269 -7.24 -8.22 -15.80
C ARG B 269 -6.15 -7.83 -16.80
N PHE B 270 -5.72 -8.79 -17.60
CA PHE B 270 -4.65 -8.59 -18.58
C PHE B 270 -4.98 -7.51 -19.63
N ILE B 271 -6.26 -7.36 -19.96
CA ILE B 271 -6.70 -6.37 -20.96
C ILE B 271 -6.68 -4.91 -20.43
N VAL B 272 -7.10 -4.68 -19.18
CA VAL B 272 -7.29 -3.30 -18.67
C VAL B 272 -6.38 -2.86 -17.51
N ALA B 273 -5.55 -3.74 -16.97
CA ALA B 273 -4.75 -3.40 -15.77
C ALA B 273 -3.78 -2.23 -16.00
N HIS B 274 -2.84 -2.41 -16.92
CA HIS B 274 -1.73 -1.45 -17.12
C HIS B 274 -2.13 -0.07 -17.63
N ILE B 275 -3.30 0.03 -18.27
CA ILE B 275 -3.84 1.31 -18.78
C ILE B 275 -4.60 2.17 -17.76
N GLY B 276 -4.75 1.69 -16.52
CA GLY B 276 -5.48 2.42 -15.48
C GLY B 276 -4.57 2.96 -14.38
N TYR B 277 -4.92 4.15 -13.88
CA TYR B 277 -4.15 4.83 -12.83
C TYR B 277 -5.09 5.39 -11.76
N TYR B 278 -4.73 5.18 -10.49
CA TYR B 278 -5.40 5.84 -9.36
C TYR B 278 -4.43 6.88 -8.79
N VAL B 279 -4.77 8.16 -8.99
CA VAL B 279 -3.89 9.27 -8.56
C VAL B 279 -4.56 10.07 -7.45
N THR B 280 -3.81 10.38 -6.40
CA THR B 280 -4.35 11.10 -5.24
C THR B 280 -3.31 11.97 -4.53
N GLU B 281 -3.75 13.14 -4.05
CA GLU B 281 -2.88 14.10 -3.38
C GLU B 281 -2.58 13.69 -1.94
N VAL B 282 -1.42 14.09 -1.45
CA VAL B 282 -1.04 13.87 -0.04
C VAL B 282 -1.66 14.99 0.79
N LEU B 283 -2.51 14.61 1.74
CA LEU B 283 -3.18 15.56 2.65
C LEU B 283 -2.38 15.84 3.91
N ASP B 284 -1.66 14.83 4.41
CA ASP B 284 -0.97 14.93 5.69
C ASP B 284 0.12 13.85 5.82
N ILE B 285 1.24 14.23 6.44
CA ILE B 285 2.32 13.29 6.77
C ILE B 285 2.59 13.40 8.27
N LYS B 286 2.66 12.26 8.96
CA LYS B 286 2.82 12.22 10.41
C LYS B 286 3.65 11.03 10.89
N LYS B 287 4.28 11.21 12.04
CA LYS B 287 5.06 10.17 12.70
C LYS B 287 4.29 9.76 13.95
N VAL B 288 4.02 8.46 14.09
CA VAL B 288 3.30 7.92 15.25
C VAL B 288 4.10 6.75 15.82
N HIS B 289 4.53 6.88 17.08
CA HIS B 289 5.33 5.86 17.77
C HIS B 289 6.50 5.32 16.92
N GLY B 290 7.19 6.23 16.23
CA GLY B 290 8.31 5.89 15.35
C GLY B 290 7.94 5.79 13.87
N ALA B 291 6.83 5.12 13.57
CA ALA B 291 6.42 4.86 12.19
C ALA B 291 5.89 6.09 11.47
N TRP B 292 6.27 6.25 10.20
CA TRP B 292 5.82 7.36 9.35
C TRP B 292 4.61 6.97 8.52
N TYR B 293 3.68 7.91 8.38
CA TYR B 293 2.45 7.73 7.62
C TYR B 293 2.21 8.89 6.66
N ALA B 294 1.71 8.58 5.47
CA ALA B 294 1.25 9.58 4.51
C ALA B 294 -0.24 9.34 4.28
N ILE B 295 -1.07 10.31 4.70
CA ILE B 295 -2.52 10.23 4.55
C ILE B 295 -2.90 10.87 3.21
N LEU B 296 -3.60 10.10 2.38
CA LEU B 296 -3.96 10.51 1.02
C LEU B 296 -5.46 10.77 0.92
N ARG B 297 -5.86 11.55 -0.08
CA ARG B 297 -7.28 11.76 -0.38
C ARG B 297 -7.86 10.50 -1.02
N GLY B 298 -9.14 10.25 -0.76
CA GLY B 298 -9.77 8.99 -1.14
C GLY B 298 -9.45 7.92 -0.12
N GLY B 299 -9.18 6.72 -0.61
CA GLY B 299 -8.84 5.58 0.27
C GLY B 299 -9.00 4.25 -0.41
N THR B 300 -8.81 3.18 0.36
CA THR B 300 -8.93 1.82 -0.15
C THR B 300 -10.39 1.39 -0.41
N GLN B 301 -11.36 2.17 0.07
CA GLN B 301 -12.76 1.98 -0.32
C GLN B 301 -13.05 2.45 -1.76
N GLN B 302 -12.12 3.20 -2.35
CA GLN B 302 -12.14 3.53 -3.78
C GLN B 302 -11.18 2.66 -4.62
N PHE B 303 -10.15 2.12 -3.97
CA PHE B 303 -9.14 1.29 -4.61
C PHE B 303 -8.71 0.18 -3.65
N ARG B 304 -9.54 -0.85 -3.54
CA ARG B 304 -9.35 -1.93 -2.54
C ARG B 304 -8.30 -2.98 -2.90
N LEU B 305 -7.83 -2.99 -4.15
CA LEU B 305 -6.92 -4.04 -4.64
C LEU B 305 -5.74 -4.40 -3.70
N PRO B 306 -4.97 -3.39 -3.22
CA PRO B 306 -3.86 -3.71 -2.31
C PRO B 306 -4.26 -4.36 -0.98
N VAL B 307 -5.44 -4.04 -0.46
CA VAL B 307 -5.92 -4.61 0.81
C VAL B 307 -6.41 -6.04 0.57
N SER B 308 -7.19 -6.22 -0.50
CA SER B 308 -7.70 -7.53 -0.89
C SER B 308 -6.59 -8.55 -1.16
N TRP B 309 -5.61 -8.13 -1.96
CA TRP B 309 -4.48 -9.00 -2.34
C TRP B 309 -3.34 -9.01 -1.33
N GLN B 310 -3.37 -8.07 -0.37
CA GLN B 310 -2.37 -7.98 0.72
C GLN B 310 -0.95 -7.79 0.18
N HIS B 311 -0.81 -6.83 -0.74
CA HIS B 311 0.49 -6.41 -1.24
C HIS B 311 0.65 -4.90 -1.20
N ASN B 312 1.88 -4.46 -1.36
CA ASN B 312 2.19 -3.04 -1.51
C ASN B 312 2.04 -2.70 -2.98
N HIS B 313 1.04 -1.88 -3.30
CA HIS B 313 0.73 -1.58 -4.70
C HIS B 313 1.79 -0.65 -5.29
N PRO B 314 2.26 -0.91 -6.53
CA PRO B 314 3.28 -0.05 -7.12
C PRO B 314 2.77 1.36 -7.39
N PHE B 315 3.60 2.34 -7.03
CA PHE B 315 3.25 3.75 -7.19
C PHE B 315 4.46 4.58 -7.60
N GLU B 316 4.20 5.86 -7.84
CA GLU B 316 5.23 6.83 -8.20
C GLU B 316 4.81 8.21 -7.69
N ILE B 317 5.77 9.03 -7.28
CA ILE B 317 5.50 10.30 -6.59
C ILE B 317 5.76 11.47 -7.50
N TYR B 318 4.70 12.22 -7.82
CA TYR B 318 4.83 13.49 -8.51
C TYR B 318 5.12 14.58 -7.47
N ARG B 319 6.28 15.24 -7.62
CA ARG B 319 6.72 16.27 -6.68
C ARG B 319 6.14 17.64 -7.06
N TYR B 320 5.18 18.12 -6.29
CA TYR B 320 4.56 19.43 -6.52
C TYR B 320 5.41 20.51 -5.89
N LYS B 321 5.73 21.55 -6.66
CA LYS B 321 6.71 22.57 -6.26
C LYS B 321 6.12 23.79 -5.54
N ASP B 322 4.86 24.13 -5.81
CA ASP B 322 4.19 25.28 -5.16
C ASP B 322 3.54 24.90 -3.83
N ASN B 323 3.26 25.93 -3.02
CA ASN B 323 2.65 25.80 -1.70
C ASN B 323 1.40 26.70 -1.63
N PRO B 324 0.21 26.11 -1.40
CA PRO B 324 -1.01 26.92 -1.30
C PRO B 324 -1.22 27.63 0.05
N TYR B 325 -0.58 27.14 1.12
CA TYR B 325 -0.74 27.71 2.46
C TYR B 325 0.40 28.65 2.82
N SER B 326 0.14 29.55 3.77
CA SER B 326 1.15 30.48 4.29
C SER B 326 2.20 29.79 5.17
N PHE B 327 1.88 28.60 5.68
CA PHE B 327 2.80 27.79 6.50
C PHE B 327 3.51 26.72 5.66
N GLU B 328 4.58 26.15 6.22
CA GLU B 328 5.44 25.22 5.49
C GLU B 328 4.81 23.84 5.31
N LYS B 329 5.19 23.18 4.21
CA LYS B 329 4.80 21.79 3.94
C LYS B 329 5.53 20.84 4.89
N VAL B 330 4.88 19.73 5.22
CA VAL B 330 5.55 18.64 5.96
C VAL B 330 6.24 17.77 4.93
N SER B 331 7.56 17.60 5.09
CA SER B 331 8.37 16.76 4.20
C SER B 331 9.14 15.71 5.00
N ILE B 332 9.32 14.54 4.40
CA ILE B 332 10.24 13.52 4.90
C ILE B 332 11.06 12.95 3.74
N SER B 333 12.21 12.37 4.07
CA SER B 333 13.12 11.85 3.05
C SER B 333 13.70 10.51 3.47
N ARG B 334 13.53 9.50 2.61
CA ARG B 334 14.18 8.20 2.74
C ARG B 334 13.79 7.49 4.04
N GLN B 335 12.48 7.30 4.20
CA GLN B 335 11.90 6.64 5.38
C GLN B 335 11.01 5.50 4.91
N ASP B 336 10.83 4.51 5.78
CA ASP B 336 9.77 3.51 5.63
C ASP B 336 8.45 4.23 5.87
N THR B 337 7.67 4.43 4.81
CA THR B 337 6.43 5.17 4.87
C THR B 337 5.26 4.26 4.53
N THR B 338 4.19 4.36 5.32
CA THR B 338 2.95 3.63 5.10
C THR B 338 1.95 4.58 4.44
N LEU B 339 1.42 4.19 3.29
CA LEU B 339 0.43 4.99 2.56
C LEU B 339 -0.98 4.56 2.97
N VAL B 340 -1.77 5.54 3.41
CA VAL B 340 -3.15 5.32 3.84
C VAL B 340 -4.08 6.38 3.24
N GLY B 341 -5.38 6.11 3.32
CA GLY B 341 -6.41 7.05 2.85
C GLY B 341 -7.02 7.84 3.99
N GLN B 342 -8.26 8.30 3.77
CA GLN B 342 -8.99 9.10 4.75
C GLN B 342 -9.83 8.27 5.72
N LEU B 343 -9.91 6.95 5.53
CA LEU B 343 -10.85 6.14 6.33
C LEU B 343 -10.40 6.01 7.78
N CYS B 344 -11.37 5.68 8.63
CA CYS B 344 -11.17 5.57 10.07
C CYS B 344 -10.94 4.12 10.51
N THR B 345 -10.34 3.32 9.63
CA THR B 345 -9.99 1.93 9.91
C THR B 345 -8.49 1.73 9.69
N PRO B 346 -7.83 0.93 10.56
CA PRO B 346 -6.40 0.61 10.35
C PRO B 346 -6.12 -0.24 9.10
N LYS B 347 -7.14 -0.87 8.52
CA LYS B 347 -7.02 -1.65 7.29
C LYS B 347 -6.92 -0.80 6.02
N ASP B 348 -7.20 0.50 6.10
CA ASP B 348 -7.13 1.42 4.95
C ASP B 348 -5.67 1.71 4.54
N VAL B 349 -5.02 0.71 3.96
CA VAL B 349 -3.58 0.74 3.66
C VAL B 349 -3.34 0.39 2.20
N PHE B 350 -2.78 1.34 1.45
CA PHE B 350 -2.35 1.11 0.07
C PHE B 350 -1.02 0.38 0.03
N ALA B 351 -0.10 0.81 0.88
CA ALA B 351 1.27 0.29 0.94
C ALA B 351 1.81 0.45 2.36
N ARG B 352 2.40 -0.62 2.90
CA ARG B 352 2.93 -0.63 4.26
C ARG B 352 4.45 -0.62 4.27
N GLU B 353 5.04 0.36 4.95
CA GLU B 353 6.49 0.43 5.20
C GLU B 353 7.32 0.21 3.95
N VAL B 354 7.05 1.06 2.95
CA VAL B 354 7.76 1.04 1.67
C VAL B 354 8.70 2.23 1.62
N GLN B 355 9.79 2.08 0.87
CA GLN B 355 10.76 3.16 0.70
C GLN B 355 10.13 4.30 -0.09
N ILE B 356 10.31 5.51 0.41
CA ILE B 356 9.95 6.72 -0.31
C ILE B 356 11.13 7.69 -0.19
N ASP B 357 11.68 8.09 -1.33
CA ASP B 357 12.87 8.95 -1.35
C ASP B 357 12.54 10.37 -0.92
N ALA B 358 11.45 10.91 -1.45
CA ALA B 358 10.96 12.24 -1.07
C ALA B 358 9.45 12.30 -1.24
N ILE B 359 8.79 12.86 -0.22
CA ILE B 359 7.34 13.05 -0.24
C ILE B 359 6.97 14.23 0.65
N SER B 360 5.99 14.99 0.20
CA SER B 360 5.53 16.20 0.87
C SER B 360 4.01 16.28 0.82
N THR B 361 3.43 17.08 1.71
CA THR B 361 2.02 17.45 1.61
C THR B 361 1.85 18.31 0.35
N GLY B 362 0.86 17.98 -0.46
CA GLY B 362 0.67 18.62 -1.76
C GLY B 362 1.17 17.81 -2.95
N ASP B 363 2.06 16.84 -2.69
CA ASP B 363 2.50 15.91 -3.74
C ASP B 363 1.36 14.96 -4.13
N VAL B 364 1.48 14.35 -5.29
CA VAL B 364 0.48 13.40 -5.81
C VAL B 364 1.10 12.01 -5.94
N ILE B 365 0.44 11.04 -5.31
CA ILE B 365 0.83 9.63 -5.44
C ILE B 365 0.12 9.06 -6.67
N VAL B 366 0.90 8.48 -7.58
CA VAL B 366 0.39 7.87 -8.80
C VAL B 366 0.49 6.36 -8.66
N PHE B 367 -0.62 5.71 -8.30
CA PHE B 367 -0.69 4.25 -8.26
C PHE B 367 -0.89 3.71 -9.67
N LYS B 368 0.13 3.01 -10.19
CA LYS B 368 0.07 2.43 -11.55
C LYS B 368 -0.72 1.14 -11.50
N TYR B 369 -1.09 0.62 -12.66
CA TYR B 369 -1.76 -0.68 -12.78
C TYR B 369 -3.05 -0.76 -11.93
N ALA B 370 -3.89 0.25 -12.08
CA ALA B 370 -5.12 0.39 -11.29
C ALA B 370 -6.40 0.10 -12.07
N GLY B 371 -6.27 -0.29 -13.33
CA GLY B 371 -7.43 -0.41 -14.24
C GLY B 371 -8.27 -1.65 -14.10
N ALA B 372 -7.70 -2.73 -13.54
CA ALA B 372 -8.40 -4.00 -13.36
C ALA B 372 -8.62 -4.27 -11.89
N TYR B 373 -9.87 -4.54 -11.52
CA TYR B 373 -10.25 -4.85 -10.14
C TYR B 373 -9.74 -3.80 -9.16
N GLY B 374 -9.85 -2.53 -9.55
CA GLY B 374 -9.56 -1.39 -8.70
C GLY B 374 -10.89 -0.87 -8.21
N TRP B 375 -11.49 0.03 -8.98
CA TRP B 375 -12.79 0.61 -8.67
C TRP B 375 -13.91 -0.45 -8.61
N SER B 376 -13.85 -1.45 -9.50
CA SER B 376 -14.92 -2.45 -9.62
C SER B 376 -15.11 -3.36 -8.39
N ILE B 377 -14.07 -3.55 -7.58
CA ILE B 377 -14.13 -4.41 -6.39
C ILE B 377 -14.28 -3.63 -5.09
N SER B 378 -14.39 -2.31 -5.19
CA SER B 378 -14.24 -1.43 -4.04
C SER B 378 -15.58 -1.04 -3.43
N HIS B 379 -15.51 -0.64 -2.16
CA HIS B 379 -16.70 -0.41 -1.34
C HIS B 379 -16.93 1.10 -1.30
N HIS B 380 -17.37 1.59 -2.45
CA HIS B 380 -17.36 3.02 -2.82
C HIS B 380 -17.91 3.96 -1.75
N ASP B 381 -19.01 3.55 -1.12
CA ASP B 381 -19.77 4.41 -0.21
C ASP B 381 -19.52 4.19 1.29
N PHE B 382 -18.49 3.42 1.64
CA PHE B 382 -18.12 3.23 3.04
C PHE B 382 -17.52 4.51 3.61
N LEU B 383 -18.09 4.97 4.73
CA LEU B 383 -17.83 6.31 5.29
C LEU B 383 -18.29 7.48 4.41
N SER B 384 -19.16 7.20 3.43
CA SER B 384 -19.83 8.21 2.60
C SER B 384 -18.95 9.30 1.94
N HIS B 385 -17.71 8.95 1.58
CA HIS B 385 -16.85 9.91 0.87
C HIS B 385 -17.33 10.12 -0.56
N PRO B 386 -17.09 11.32 -1.13
CA PRO B 386 -17.44 11.52 -2.54
C PRO B 386 -16.56 10.66 -3.45
N HIS B 387 -17.13 10.22 -4.56
CA HIS B 387 -16.43 9.32 -5.50
C HIS B 387 -15.23 10.01 -6.13
N PRO B 388 -14.20 9.23 -6.51
CA PRO B 388 -13.10 9.81 -7.24
C PRO B 388 -13.56 10.21 -8.64
N GLU B 389 -12.92 11.23 -9.19
CA GLU B 389 -13.31 11.77 -10.49
C GLU B 389 -12.70 10.88 -11.59
N PHE B 390 -13.39 10.77 -12.72
CA PHE B 390 -12.94 9.89 -13.81
C PHE B 390 -12.56 10.66 -15.08
N ILE B 391 -11.32 10.47 -15.53
CA ILE B 391 -10.81 11.09 -16.77
C ILE B 391 -10.38 9.98 -17.73
N TYR B 392 -10.85 10.08 -18.98
CA TYR B 392 -10.53 9.12 -20.04
C TYR B 392 -9.80 9.80 -21.18
N LEU B 393 -8.51 9.48 -21.34
CA LEU B 393 -7.64 10.12 -22.34
C LEU B 393 -7.81 9.48 -23.71
N THR B 394 -7.92 10.32 -24.75
CA THR B 394 -8.15 9.88 -26.13
C THR B 394 -7.13 10.51 -27.08
N ARG C 2 11.66 6.83 16.65
CA ARG C 2 13.04 6.59 16.13
C ARG C 2 13.45 5.10 16.18
N ILE C 3 14.58 4.80 15.56
CA ILE C 3 15.22 3.49 15.60
C ILE C 3 16.07 3.33 16.88
N VAL C 4 16.76 4.42 17.25
CA VAL C 4 17.73 4.42 18.36
C VAL C 4 17.12 4.49 19.76
N GLN C 5 15.87 4.94 19.88
CA GLN C 5 15.25 5.19 21.18
C GLN C 5 15.01 3.91 22.01
N PRO C 6 14.56 2.81 21.36
CA PRO C 6 14.56 1.50 22.05
C PRO C 6 15.94 1.00 22.50
N VAL C 7 16.99 1.36 21.76
CA VAL C 7 18.37 0.98 22.09
C VAL C 7 18.86 1.79 23.30
N ILE C 8 18.59 3.09 23.30
CA ILE C 8 18.97 4.00 24.39
C ILE C 8 18.34 3.58 25.72
N GLU C 9 17.05 3.24 25.69
CA GLU C 9 16.31 2.79 26.88
C GLU C 9 16.91 1.52 27.49
N GLN C 10 17.25 0.55 26.64
CA GLN C 10 17.86 -0.71 27.08
C GLN C 10 19.22 -0.50 27.73
N LEU C 11 20.03 0.41 27.16
CA LEU C 11 21.34 0.76 27.74
C LEU C 11 21.20 1.43 29.12
N LYS C 12 20.22 2.30 29.28
CA LYS C 12 19.93 2.97 30.56
C LYS C 12 19.40 2.02 31.63
N ALA C 13 18.56 1.06 31.23
CA ALA C 13 18.03 0.04 32.15
C ALA C 13 19.12 -0.85 32.75
N GLN C 14 20.09 -1.28 31.94
N GLN C 14 20.08 -1.25 31.92
CA GLN C 14 21.18 -2.14 32.41
CA GLN C 14 21.19 -2.13 32.32
C GLN C 14 22.46 -1.39 32.79
C GLN C 14 22.46 -1.40 32.81
N SER C 15 22.37 -0.08 33.01
CA SER C 15 23.51 0.77 33.44
C SER C 15 24.76 0.73 32.54
N HIS C 16 24.55 0.53 31.23
CA HIS C 16 25.65 0.58 30.27
C HIS C 16 25.81 2.03 29.82
N PRO C 17 27.06 2.51 29.73
CA PRO C 17 27.25 3.88 29.24
C PRO C 17 26.94 3.99 27.75
N VAL C 18 26.42 5.14 27.35
CA VAL C 18 26.03 5.38 25.96
C VAL C 18 27.15 6.12 25.22
N CYS C 19 27.94 5.36 24.47
CA CYS C 19 28.79 5.87 23.39
C CYS C 19 28.79 4.85 22.25
N HIS C 20 27.84 4.99 21.32
CA HIS C 20 27.54 3.96 20.31
C HIS C 20 27.42 4.51 18.89
N TYR C 21 27.78 3.66 17.93
CA TYR C 21 27.36 3.80 16.53
C TYR C 21 26.21 2.81 16.31
N ILE C 22 25.08 3.32 15.84
CA ILE C 22 23.90 2.51 15.56
C ILE C 22 23.52 2.65 14.08
N TYR C 23 23.27 1.51 13.44
CA TYR C 23 22.97 1.45 12.01
C TYR C 23 21.63 0.75 11.74
N ASP C 24 20.82 1.38 10.89
CA ASP C 24 19.52 0.85 10.46
C ASP C 24 19.71 0.11 9.13
N LEU C 25 19.97 -1.19 9.22
CA LEU C 25 20.22 -2.03 8.04
C LEU C 25 18.98 -2.20 7.14
N VAL C 26 17.80 -2.30 7.75
CA VAL C 26 16.54 -2.42 7.01
C VAL C 26 16.30 -1.19 6.12
N GLY C 27 16.51 0.00 6.68
CA GLY C 27 16.44 1.25 5.92
C GLY C 27 17.47 1.34 4.81
N LEU C 28 18.65 0.77 5.05
CA LEU C 28 19.71 0.67 4.03
C LEU C 28 19.31 -0.26 2.88
N GLU C 29 18.72 -1.41 3.22
CA GLU C 29 18.19 -2.36 2.24
C GLU C 29 17.11 -1.75 1.35
N HIS C 30 16.13 -1.09 1.98
CA HIS C 30 15.00 -0.48 1.28
C HIS C 30 15.43 0.70 0.39
N HIS C 31 16.44 1.44 0.84
CA HIS C 31 17.04 2.51 0.04
C HIS C 31 17.74 1.95 -1.20
N LEU C 32 18.53 0.91 -1.02
CA LEU C 32 19.29 0.29 -2.12
C LEU C 32 18.40 -0.37 -3.15
N GLN C 33 17.43 -1.15 -2.68
CA GLN C 33 16.41 -1.76 -3.54
C GLN C 33 15.73 -0.70 -4.41
N HIS C 34 15.40 0.44 -3.80
CA HIS C 34 14.76 1.54 -4.52
C HIS C 34 15.66 2.17 -5.59
N ILE C 35 16.93 2.42 -5.23
CA ILE C 35 17.90 3.00 -6.17
C ILE C 35 18.19 2.07 -7.33
N THR C 36 18.55 0.83 -7.02
CA THR C 36 18.99 -0.14 -8.02
C THR C 36 17.89 -0.45 -9.03
N SER C 37 16.67 -0.67 -8.53
CA SER C 37 15.53 -0.96 -9.41
C SER C 37 15.05 0.25 -10.22
N SER C 38 15.30 1.47 -9.74
CA SER C 38 14.91 2.69 -10.46
C SER C 38 15.78 2.98 -11.69
N LEU C 39 17.01 2.48 -11.72
CA LEU C 39 17.94 2.79 -12.81
C LEU C 39 17.56 2.11 -14.13
N PRO C 40 17.97 2.68 -15.27
CA PRO C 40 17.81 1.98 -16.55
C PRO C 40 18.72 0.75 -16.64
N SER C 41 18.38 -0.19 -17.51
CA SER C 41 19.07 -1.49 -17.61
C SER C 41 20.55 -1.41 -18.04
N ASN C 42 20.90 -0.35 -18.78
CA ASN C 42 22.30 -0.12 -19.17
C ASN C 42 23.17 0.62 -18.12
N CYS C 43 22.59 1.00 -16.98
CA CYS C 43 23.31 1.70 -15.91
C CYS C 43 23.24 0.93 -14.59
N GLN C 44 24.38 0.79 -13.92
CA GLN C 44 24.46 0.07 -12.63
C GLN C 44 25.04 0.96 -11.52
N MET C 45 24.73 0.60 -10.27
CA MET C 45 25.22 1.32 -9.10
C MET C 45 26.31 0.48 -8.42
N TYR C 46 27.48 1.08 -8.24
CA TYR C 46 28.56 0.52 -7.44
C TYR C 46 28.65 1.31 -6.14
N TYR C 47 28.95 0.61 -5.05
CA TYR C 47 29.10 1.27 -3.75
C TYR C 47 30.56 1.66 -3.51
N ALA C 48 30.81 2.97 -3.41
CA ALA C 48 32.13 3.50 -3.04
C ALA C 48 32.33 3.34 -1.54
N MET C 49 33.14 2.35 -1.15
CA MET C 49 33.24 1.94 0.27
C MET C 49 34.11 2.84 1.16
N ALA C 50 34.69 3.90 0.58
CA ALA C 50 35.34 4.96 1.36
C ALA C 50 34.44 5.52 2.45
N ALA C 51 33.17 5.74 2.11
CA ALA C 51 32.17 6.28 3.04
C ALA C 51 31.96 5.41 4.28
N ASN C 52 31.98 4.09 4.09
CA ASN C 52 31.84 3.12 5.19
C ASN C 52 32.20 1.71 4.70
N SER C 53 33.28 1.14 5.23
CA SER C 53 33.72 -0.20 4.87
C SER C 53 33.63 -1.19 6.04
N GLU C 54 32.71 -0.96 6.96
CA GLU C 54 32.48 -1.88 8.07
C GLU C 54 31.89 -3.19 7.54
N ARG C 55 32.38 -4.32 8.03
CA ARG C 55 32.05 -5.63 7.46
C ARG C 55 30.53 -5.89 7.36
N THR C 56 29.79 -5.57 8.41
CA THR C 56 28.33 -5.75 8.42
C THR C 56 27.64 -4.83 7.41
N ILE C 57 28.16 -3.61 7.23
CA ILE C 57 27.63 -2.68 6.23
C ILE C 57 27.92 -3.18 4.80
N LEU C 58 29.11 -3.73 4.57
CA LEU C 58 29.44 -4.34 3.27
C LEU C 58 28.60 -5.60 2.99
N ASP C 59 28.28 -6.37 4.03
CA ASP C 59 27.45 -7.57 3.89
C ASP C 59 26.06 -7.20 3.38
N THR C 60 25.42 -6.24 4.05
CA THR C 60 24.09 -5.75 3.67
C THR C 60 24.07 -5.13 2.27
N ILE C 61 25.06 -4.29 1.95
CA ILE C 61 25.10 -3.57 0.66
C ILE C 61 25.34 -4.50 -0.54
N SER C 62 26.25 -5.47 -0.39
CA SER C 62 26.60 -6.41 -1.47
C SER C 62 25.42 -7.18 -2.07
N GLN C 63 24.41 -7.44 -1.24
CA GLN C 63 23.20 -8.15 -1.68
C GLN C 63 22.35 -7.38 -2.70
N TYR C 64 22.54 -6.06 -2.78
CA TYR C 64 21.73 -5.18 -3.66
C TYR C 64 22.50 -4.51 -4.80
N VAL C 65 23.71 -4.00 -4.52
CA VAL C 65 24.51 -3.32 -5.56
C VAL C 65 25.14 -4.28 -6.58
N GLU C 66 25.54 -3.71 -7.71
CA GLU C 66 26.24 -4.43 -8.77
C GLU C 66 27.64 -4.84 -8.31
N GLY C 67 28.34 -3.90 -7.69
CA GLY C 67 29.70 -4.13 -7.20
C GLY C 67 30.19 -3.07 -6.24
N PHE C 68 31.50 -3.11 -5.97
CA PHE C 68 32.15 -2.13 -5.11
C PHE C 68 33.15 -1.31 -5.91
N GLU C 69 33.11 0.00 -5.73
CA GLU C 69 34.19 0.88 -6.14
C GLU C 69 35.17 0.93 -4.98
N VAL C 70 36.45 0.74 -5.28
CA VAL C 70 37.50 0.66 -4.27
C VAL C 70 38.67 1.57 -4.67
N ALA C 71 39.45 1.98 -3.68
CA ALA C 71 40.61 2.86 -3.91
C ALA C 71 41.91 2.39 -3.24
N SER C 72 42.00 1.11 -2.90
CA SER C 72 43.22 0.52 -2.34
C SER C 72 43.16 -1.00 -2.37
N GLN C 73 44.29 -1.66 -2.10
CA GLN C 73 44.31 -3.12 -1.97
C GLN C 73 43.54 -3.61 -0.74
N GLY C 74 43.48 -2.80 0.32
CA GLY C 74 42.68 -3.11 1.50
C GLY C 74 41.20 -3.13 1.22
N GLU C 75 40.72 -2.13 0.49
CA GLU C 75 39.33 -2.09 0.02
C GLU C 75 39.01 -3.20 -1.00
N ILE C 76 39.98 -3.55 -1.85
CA ILE C 76 39.84 -4.70 -2.76
C ILE C 76 39.66 -5.98 -1.95
N ALA C 77 40.52 -6.18 -0.96
CA ALA C 77 40.45 -7.36 -0.07
C ALA C 77 39.13 -7.42 0.71
N LYS C 78 38.65 -6.25 1.17
CA LYS C 78 37.37 -6.15 1.88
C LYS C 78 36.17 -6.44 0.96
N GLY C 79 36.21 -5.89 -0.24
CA GLY C 79 35.20 -6.18 -1.26
C GLY C 79 35.14 -7.64 -1.69
N LEU C 80 36.30 -8.30 -1.74
CA LEU C 80 36.38 -9.72 -2.15
C LEU C 80 35.67 -10.71 -1.23
N ALA C 81 35.45 -10.33 0.02
CA ALA C 81 34.65 -11.12 0.96
C ALA C 81 33.18 -11.28 0.53
N PHE C 82 32.68 -10.30 -0.24
CA PHE C 82 31.26 -10.27 -0.65
C PHE C 82 30.98 -10.25 -2.16
N LYS C 83 31.91 -9.72 -2.95
CA LYS C 83 31.80 -9.70 -4.42
C LYS C 83 33.00 -10.37 -5.06
N PRO C 84 32.83 -10.98 -6.25
CA PRO C 84 34.00 -11.44 -7.00
C PRO C 84 34.73 -10.26 -7.65
N ALA C 85 36.01 -10.47 -7.98
CA ALA C 85 36.86 -9.43 -8.56
C ALA C 85 36.30 -8.80 -9.85
N ASN C 86 35.64 -9.63 -10.67
CA ASN C 86 34.97 -9.13 -11.89
C ASN C 86 33.79 -8.16 -11.67
N HIS C 87 33.37 -7.98 -10.41
CA HIS C 87 32.45 -6.91 -10.01
C HIS C 87 33.09 -5.91 -9.03
N ILE C 88 34.40 -5.68 -9.17
CA ILE C 88 35.10 -4.65 -8.39
C ILE C 88 35.84 -3.72 -9.37
N ILE C 89 35.68 -2.42 -9.14
CA ILE C 89 36.29 -1.38 -9.98
C ILE C 89 37.19 -0.50 -9.10
N PHE C 90 38.34 -0.12 -9.65
CA PHE C 90 39.48 0.36 -8.85
C PHE C 90 39.98 1.71 -9.37
N GLY C 91 39.80 2.77 -8.56
CA GLY C 91 40.26 4.12 -8.87
C GLY C 91 41.30 4.63 -7.89
N GLY C 92 41.85 5.82 -8.17
CA GLY C 92 42.79 6.49 -7.27
C GLY C 92 44.00 7.07 -7.99
N PRO C 93 44.51 8.24 -7.51
CA PRO C 93 45.64 8.89 -8.18
C PRO C 93 47.03 8.29 -7.91
N GLY C 94 47.16 7.41 -6.92
CA GLY C 94 48.47 6.87 -6.52
C GLY C 94 48.42 5.37 -6.31
N LYS C 95 48.08 4.64 -7.37
CA LYS C 95 48.06 3.18 -7.33
C LYS C 95 49.48 2.63 -7.42
N THR C 96 49.91 1.92 -6.39
CA THR C 96 51.27 1.37 -6.34
C THR C 96 51.36 0.15 -7.24
N ASP C 97 52.58 -0.21 -7.63
CA ASP C 97 52.85 -1.45 -8.39
C ASP C 97 52.32 -2.70 -7.67
N GLU C 98 52.40 -2.68 -6.34
CA GLU C 98 51.89 -3.77 -5.50
C GLU C 98 50.36 -3.87 -5.60
N GLU C 99 49.68 -2.73 -5.52
CA GLU C 99 48.22 -2.66 -5.68
C GLU C 99 47.75 -3.05 -7.09
N LEU C 100 48.48 -2.59 -8.10
CA LEU C 100 48.18 -2.93 -9.49
C LEU C 100 48.36 -4.42 -9.79
N ARG C 101 49.48 -4.99 -9.34
CA ARG C 101 49.73 -6.44 -9.50
C ARG C 101 48.67 -7.28 -8.77
N TYR C 102 48.29 -6.84 -7.58
CA TYR C 102 47.22 -7.49 -6.79
C TYR C 102 45.87 -7.44 -7.53
N ALA C 103 45.53 -6.27 -8.06
CA ALA C 103 44.30 -6.08 -8.84
C ALA C 103 44.29 -6.89 -10.15
N VAL C 104 45.44 -6.99 -10.79
CA VAL C 104 45.60 -7.82 -12.00
C VAL C 104 45.47 -9.32 -11.68
N SER C 105 46.15 -9.76 -10.62
CA SER C 105 46.12 -11.16 -10.18
C SER C 105 44.70 -11.64 -9.86
N GLU C 106 43.99 -10.87 -9.04
CA GLU C 106 42.59 -11.16 -8.71
C GLU C 106 41.64 -10.96 -9.89
N GLY C 107 42.01 -10.04 -10.79
CA GLY C 107 41.29 -9.83 -12.04
C GLY C 107 40.13 -8.88 -11.85
N VAL C 108 40.44 -7.67 -11.39
CA VAL C 108 39.41 -6.64 -11.16
C VAL C 108 38.72 -6.25 -12.47
N GLN C 109 37.46 -5.84 -12.36
CA GLN C 109 36.63 -5.54 -13.53
C GLN C 109 37.23 -4.42 -14.37
N ARG C 110 37.55 -3.31 -13.72
CA ARG C 110 38.21 -2.18 -14.38
C ARG C 110 39.18 -1.50 -13.42
N ILE C 111 40.24 -0.95 -13.99
CA ILE C 111 41.15 -0.05 -13.30
C ILE C 111 40.94 1.32 -13.95
N HIS C 112 40.67 2.33 -13.12
CA HIS C 112 40.42 3.69 -13.62
C HIS C 112 41.73 4.48 -13.61
N VAL C 113 42.38 4.53 -14.76
CA VAL C 113 43.73 5.07 -14.88
C VAL C 113 43.71 6.60 -14.86
N GLU C 114 44.54 7.18 -14.01
CA GLU C 114 44.57 8.63 -13.77
C GLU C 114 45.79 9.36 -14.38
N SER C 115 46.72 8.62 -14.99
CA SER C 115 47.88 9.26 -15.64
C SER C 115 48.59 8.39 -16.67
N MET C 116 49.47 9.04 -17.44
CA MET C 116 50.34 8.36 -18.39
C MET C 116 51.32 7.42 -17.67
N HIS C 117 51.87 7.88 -16.54
CA HIS C 117 52.85 7.09 -15.80
C HIS C 117 52.20 5.84 -15.18
N GLU C 118 50.99 6.00 -14.62
CA GLU C 118 50.20 4.87 -14.14
C GLU C 118 49.89 3.86 -15.25
N LEU C 119 49.50 4.38 -16.42
CA LEU C 119 49.22 3.54 -17.60
C LEU C 119 50.43 2.69 -17.98
N GLN C 120 51.58 3.34 -18.08
CA GLN C 120 52.85 2.65 -18.39
C GLN C 120 53.24 1.65 -17.30
N ARG C 121 53.07 2.04 -16.03
CA ARG C 121 53.34 1.13 -14.90
C ARG C 121 52.40 -0.08 -14.89
N LEU C 122 51.13 0.15 -15.18
CA LEU C 122 50.15 -0.94 -15.31
C LEU C 122 50.49 -1.86 -16.48
N ASN C 123 50.85 -1.25 -17.61
CA ASN C 123 51.26 -1.98 -18.81
C ASN C 123 52.46 -2.90 -18.56
N ALA C 124 53.46 -2.39 -17.84
CA ALA C 124 54.67 -3.16 -17.49
C ALA C 124 54.36 -4.39 -16.62
N ILE C 125 53.41 -4.25 -15.70
CA ILE C 125 52.95 -5.37 -14.86
C ILE C 125 52.19 -6.40 -15.69
N LEU C 126 51.31 -5.91 -16.58
CA LEU C 126 50.58 -6.79 -17.50
C LEU C 126 51.50 -7.50 -18.51
N GLU C 127 52.56 -6.81 -18.94
CA GLU C 127 53.60 -7.39 -19.79
C GLU C 127 54.30 -8.54 -19.07
N ASP C 128 54.64 -8.29 -17.81
CA ASP C 128 55.30 -9.29 -16.95
C ASP C 128 54.41 -10.52 -16.70
N GLU C 129 53.14 -10.28 -16.43
CA GLU C 129 52.17 -11.34 -16.14
C GLU C 129 51.56 -12.00 -17.39
N ASP C 130 51.76 -11.38 -18.57
CA ASP C 130 51.15 -11.83 -19.83
C ASP C 130 49.63 -11.88 -19.70
N LYS C 131 49.07 -10.75 -19.27
CA LYS C 131 47.64 -10.60 -19.04
C LYS C 131 47.11 -9.34 -19.71
N THR C 132 45.80 -9.29 -19.84
CA THR C 132 45.10 -8.12 -20.37
C THR C 132 44.19 -7.55 -19.29
N GLN C 133 43.97 -6.25 -19.33
CA GLN C 133 43.13 -5.55 -18.35
C GLN C 133 42.27 -4.51 -19.03
N HIS C 134 40.97 -4.52 -18.70
CA HIS C 134 40.05 -3.47 -19.10
C HIS C 134 40.26 -2.24 -18.22
N ILE C 135 40.29 -1.06 -18.84
CA ILE C 135 40.47 0.19 -18.10
C ILE C 135 39.52 1.28 -18.60
N LEU C 136 39.29 2.26 -17.73
CA LEU C 136 38.81 3.57 -18.14
C LEU C 136 39.97 4.54 -17.93
N LEU C 137 39.93 5.66 -18.65
CA LEU C 137 40.82 6.78 -18.39
C LEU C 137 40.02 7.79 -17.61
N ARG C 138 40.45 8.10 -16.38
CA ARG C 138 39.81 9.15 -15.61
C ARG C 138 40.22 10.51 -16.13
N VAL C 139 39.23 11.34 -16.40
CA VAL C 139 39.40 12.62 -17.06
C VAL C 139 39.10 13.74 -16.08
N ASN C 140 39.94 14.78 -16.11
CA ASN C 140 39.73 16.00 -15.34
C ASN C 140 39.37 17.11 -16.33
N LEU C 141 38.08 17.34 -16.51
CA LEU C 141 37.58 18.34 -17.46
C LEU C 141 37.86 19.77 -17.01
N ALA C 142 38.18 20.63 -17.98
CA ALA C 142 38.48 22.04 -17.73
C ALA C 142 37.22 22.84 -17.41
N GLY C 154 36.14 22.39 -12.72
CA GLY C 154 37.43 22.24 -13.39
C GLY C 154 38.57 23.05 -12.79
N ARG C 155 38.66 23.04 -11.46
CA ARG C 155 39.80 23.61 -10.74
C ARG C 155 40.97 22.63 -10.84
N PRO C 156 42.21 23.12 -10.60
CA PRO C 156 43.33 22.17 -10.55
C PRO C 156 43.20 21.27 -9.33
N THR C 157 43.25 19.95 -9.56
CA THR C 157 43.34 18.97 -8.48
C THR C 157 44.33 17.90 -8.91
N GLN C 158 44.63 16.98 -8.00
CA GLN C 158 45.56 15.89 -8.28
C GLN C 158 44.93 14.71 -9.06
N PHE C 159 43.64 14.81 -9.39
CA PHE C 159 42.87 13.67 -9.86
C PHE C 159 42.73 13.63 -11.38
N GLY C 160 42.98 12.45 -11.93
CA GLY C 160 42.72 12.17 -13.34
C GLY C 160 43.69 12.82 -14.29
N ILE C 161 43.32 12.80 -15.57
CA ILE C 161 44.14 13.33 -16.65
C ILE C 161 43.58 14.70 -17.03
N SER C 162 44.43 15.72 -17.04
CA SER C 162 44.03 17.07 -17.48
C SER C 162 43.49 17.00 -18.91
N GLU C 163 42.36 17.67 -19.15
CA GLU C 163 41.62 17.56 -20.43
C GLU C 163 42.49 17.66 -21.68
N ASP C 164 43.38 18.65 -21.66
N ASP C 164 43.40 18.62 -21.71
CA ASP C 164 44.36 18.93 -22.72
CA ASP C 164 44.26 18.84 -22.89
C ASP C 164 45.31 17.76 -23.04
C ASP C 164 45.41 17.82 -23.02
N GLU C 165 45.60 16.94 -22.03
CA GLU C 165 46.51 15.78 -22.15
C GLU C 165 45.77 14.47 -22.49
N VAL C 166 44.44 14.49 -22.54
CA VAL C 166 43.63 13.27 -22.69
C VAL C 166 43.89 12.58 -24.04
N ASP C 167 43.97 13.36 -25.12
CA ASP C 167 44.23 12.83 -26.47
C ASP C 167 45.50 11.97 -26.52
N ASP C 168 46.58 12.47 -25.92
CA ASP C 168 47.86 11.74 -25.85
C ASP C 168 47.74 10.40 -25.09
N VAL C 169 47.00 10.40 -23.99
CA VAL C 169 46.87 9.20 -23.15
C VAL C 169 45.97 8.16 -23.82
N ILE C 170 44.92 8.61 -24.51
CA ILE C 170 44.07 7.70 -25.30
C ILE C 170 44.92 6.94 -26.31
N GLU C 171 45.68 7.69 -27.12
CA GLU C 171 46.56 7.11 -28.14
C GLU C 171 47.62 6.18 -27.57
N ALA C 172 48.13 6.50 -26.38
CA ALA C 172 49.10 5.63 -25.68
C ALA C 172 48.45 4.34 -25.20
N ALA C 173 47.23 4.43 -24.67
CA ALA C 173 46.44 3.26 -24.29
C ALA C 173 46.08 2.40 -25.50
N LEU C 174 45.69 3.04 -26.60
CA LEU C 174 45.30 2.34 -27.83
C LEU C 174 46.44 1.58 -28.50
N VAL C 175 47.68 2.08 -28.39
CA VAL C 175 48.86 1.36 -28.93
C VAL C 175 49.40 0.24 -28.03
N MET C 176 48.89 0.12 -26.80
CA MET C 176 49.28 -0.97 -25.89
C MET C 176 48.39 -2.21 -26.09
N PRO C 177 48.97 -3.33 -26.59
CA PRO C 177 48.17 -4.56 -26.76
C PRO C 177 47.58 -5.17 -25.47
N ASN C 178 48.20 -4.91 -24.33
CA ASN C 178 47.71 -5.43 -23.04
C ASN C 178 46.53 -4.65 -22.45
N ILE C 179 46.25 -3.46 -22.99
CA ILE C 179 45.16 -2.60 -22.52
C ILE C 179 43.91 -2.77 -23.39
N HIS C 180 42.75 -2.89 -22.73
CA HIS C 180 41.44 -2.77 -23.40
C HIS C 180 40.79 -1.48 -22.90
N LEU C 181 40.87 -0.42 -23.71
CA LEU C 181 40.25 0.86 -23.37
C LEU C 181 38.73 0.78 -23.57
N ASP C 182 37.99 0.61 -22.48
CA ASP C 182 36.52 0.58 -22.51
C ASP C 182 35.92 1.97 -22.75
N GLY C 183 36.52 2.98 -22.15
CA GLY C 183 36.02 4.35 -22.28
C GLY C 183 36.57 5.26 -21.20
N PHE C 184 35.69 6.02 -20.56
CA PHE C 184 36.11 7.12 -19.71
C PHE C 184 35.47 7.12 -18.33
N HIS C 185 36.18 7.71 -17.37
CA HIS C 185 35.72 7.88 -16.01
C HIS C 185 35.69 9.39 -15.71
N PHE C 186 34.57 9.85 -15.18
CA PHE C 186 34.38 11.26 -14.83
C PHE C 186 33.99 11.39 -13.37
N HIS C 187 34.66 12.29 -12.65
CA HIS C 187 34.35 12.58 -11.26
C HIS C 187 34.74 14.03 -10.93
N SER C 188 33.98 14.97 -11.49
CA SER C 188 34.23 16.39 -11.31
C SER C 188 33.58 16.89 -10.00
N ILE C 189 32.28 17.21 -10.06
CA ILE C 189 31.49 17.63 -8.89
C ILE C 189 31.53 16.65 -7.72
N SER C 190 31.33 17.20 -6.51
CA SER C 190 31.12 16.40 -5.30
C SER C 190 30.10 17.08 -4.39
N ASN C 191 29.31 16.27 -3.69
CA ASN C 191 28.23 16.73 -2.81
C ASN C 191 27.27 17.73 -3.48
N ASN C 192 26.72 17.33 -4.62
CA ASN C 192 25.74 18.13 -5.35
C ASN C 192 24.32 17.80 -4.90
N LEU C 193 23.54 18.83 -4.58
CA LEU C 193 22.16 18.69 -4.12
C LEU C 193 21.11 19.05 -5.18
N ASP C 194 21.56 19.46 -6.36
CA ASP C 194 20.69 19.87 -7.46
C ASP C 194 20.62 18.73 -8.50
N SER C 195 19.43 18.13 -8.64
CA SER C 195 19.22 17.00 -9.55
C SER C 195 19.31 17.39 -11.03
N ASN C 196 18.70 18.51 -11.39
CA ASN C 196 18.72 19.01 -12.78
C ASN C 196 20.12 19.40 -13.25
N LEU C 197 20.93 19.92 -12.32
CA LEU C 197 22.33 20.26 -12.60
C LEU C 197 23.20 19.01 -12.77
N HIS C 198 22.87 17.95 -12.02
CA HIS C 198 23.56 16.66 -12.18
C HIS C 198 23.29 16.05 -13.55
N VAL C 199 22.05 16.20 -14.05
CA VAL C 199 21.70 15.76 -15.40
C VAL C 199 22.55 16.47 -16.46
N ASP C 200 22.69 17.80 -16.32
CA ASP C 200 23.51 18.61 -17.23
C ASP C 200 24.99 18.20 -17.25
N VAL C 201 25.51 17.81 -16.08
CA VAL C 201 26.89 17.32 -15.96
C VAL C 201 27.05 15.96 -16.66
N VAL C 202 26.06 15.08 -16.48
CA VAL C 202 26.03 13.79 -17.19
C VAL C 202 25.93 13.99 -18.71
N LYS C 203 25.16 15.00 -19.14
CA LYS C 203 25.07 15.37 -20.56
C LYS C 203 26.43 15.76 -21.15
N LEU C 204 27.18 16.56 -20.39
CA LEU C 204 28.55 16.94 -20.75
C LEU C 204 29.47 15.73 -20.84
N TYR C 205 29.35 14.80 -19.89
CA TYR C 205 30.13 13.55 -19.90
C TYR C 205 29.90 12.72 -21.16
N PHE C 206 28.64 12.60 -21.57
CA PHE C 206 28.27 11.89 -22.80
C PHE C 206 28.89 12.56 -24.05
N LYS C 207 28.74 13.88 -24.17
CA LYS C 207 29.32 14.64 -25.29
C LYS C 207 30.83 14.44 -25.41
N LYS C 208 31.53 14.55 -24.28
CA LYS C 208 33.00 14.44 -24.25
C LYS C 208 33.50 13.04 -24.61
N ALA C 209 32.88 12.01 -24.04
CA ALA C 209 33.28 10.61 -24.29
C ALA C 209 32.98 10.18 -25.73
N LYS C 210 31.86 10.64 -26.28
CA LYS C 210 31.49 10.36 -27.67
C LYS C 210 32.46 10.99 -28.67
N SER C 211 32.89 12.23 -28.41
CA SER C 211 33.79 12.94 -29.33
C SER C 211 35.21 12.36 -29.33
N TRP C 212 35.72 11.96 -28.16
CA TRP C 212 37.04 11.29 -28.08
C TRP C 212 37.00 9.90 -28.73
N SER C 213 35.90 9.19 -28.54
CA SER C 213 35.69 7.88 -29.16
C SER C 213 35.63 7.97 -30.69
N GLU C 214 35.02 9.04 -31.21
CA GLU C 214 34.97 9.30 -32.65
C GLU C 214 36.32 9.77 -33.18
N LYS C 215 36.92 10.73 -32.49
CA LYS C 215 38.23 11.28 -32.88
C LYS C 215 39.32 10.21 -32.93
N HIS C 216 39.35 9.33 -31.94
CA HIS C 216 40.39 8.29 -31.85
C HIS C 216 39.95 6.93 -32.40
N ARG C 217 38.73 6.86 -32.96
CA ARG C 217 38.27 5.74 -33.77
C ARG C 217 38.31 4.39 -33.03
N PHE C 218 37.75 4.36 -31.83
CA PHE C 218 37.58 3.12 -31.07
C PHE C 218 36.16 3.06 -30.50
N PRO C 219 35.65 1.84 -30.23
CA PRO C 219 34.28 1.73 -29.75
C PRO C 219 34.14 2.12 -28.28
N LEU C 220 33.22 3.05 -28.00
CA LEU C 220 32.92 3.46 -26.63
C LEU C 220 32.03 2.42 -25.97
N LYS C 221 32.61 1.63 -25.07
CA LYS C 221 31.90 0.53 -24.39
C LYS C 221 31.22 0.98 -23.10
N HIS C 222 31.91 1.80 -22.32
CA HIS C 222 31.46 2.15 -20.96
C HIS C 222 31.82 3.59 -20.58
N ILE C 223 30.97 4.21 -19.74
CA ILE C 223 31.29 5.46 -19.08
C ILE C 223 30.98 5.34 -17.59
N ASN C 224 32.00 5.52 -16.74
CA ASN C 224 31.79 5.70 -15.31
C ASN C 224 31.45 7.17 -15.08
N LEU C 225 30.22 7.43 -14.62
CA LEU C 225 29.73 8.80 -14.38
C LEU C 225 30.11 9.33 -13.00
N GLY C 226 30.79 8.51 -12.20
CA GLY C 226 31.31 8.95 -10.90
C GLY C 226 30.25 8.93 -9.83
N GLY C 227 30.45 9.78 -8.82
CA GLY C 227 29.51 9.97 -7.73
C GLY C 227 29.20 11.45 -7.66
N GLY C 228 29.20 12.00 -6.45
CA GLY C 228 28.93 13.42 -6.23
C GLY C 228 27.47 13.76 -6.03
N ILE C 229 26.65 12.73 -5.79
CA ILE C 229 25.26 12.90 -5.41
C ILE C 229 25.26 13.19 -3.92
N GLY C 230 24.91 14.42 -3.57
CA GLY C 230 25.13 14.94 -2.23
C GLY C 230 24.07 14.59 -1.22
N VAL C 231 24.42 14.84 0.05
CA VAL C 231 23.53 14.69 1.19
C VAL C 231 23.48 16.03 1.90
N ASN C 232 22.28 16.49 2.23
CA ASN C 232 22.07 17.73 2.96
C ASN C 232 22.16 17.50 4.47
N TYR C 233 23.11 18.18 5.11
CA TYR C 233 23.28 18.12 6.57
C TYR C 233 22.63 19.29 7.32
N ALA C 234 22.30 20.38 6.62
CA ALA C 234 21.59 21.51 7.24
C ALA C 234 20.11 21.19 7.41
N ASP C 235 19.43 20.97 6.28
CA ASP C 235 18.01 20.61 6.24
C ASP C 235 17.89 19.13 5.86
N LEU C 236 17.75 18.27 6.87
CA LEU C 236 17.72 16.81 6.67
C LEU C 236 16.58 16.31 5.78
N THR C 237 15.46 17.03 5.75
CA THR C 237 14.31 16.67 4.90
C THR C 237 14.44 17.13 3.44
N SER C 238 15.31 18.09 3.15
CA SER C 238 15.52 18.63 1.79
C SER C 238 16.72 18.00 1.08
N GLN C 239 16.57 16.74 0.71
CA GLN C 239 17.65 15.93 0.10
C GLN C 239 17.63 15.96 -1.44
N PHE C 240 18.67 15.39 -2.04
CA PHE C 240 18.79 15.23 -3.50
C PHE C 240 17.57 14.52 -4.09
N GLU C 241 16.95 15.16 -5.08
CA GLU C 241 15.75 14.64 -5.74
C GLU C 241 16.09 13.47 -6.65
N TRP C 242 16.25 12.30 -6.04
CA TRP C 242 16.67 11.09 -6.77
C TRP C 242 15.65 10.66 -7.83
N ASP C 243 14.39 10.55 -7.43
CA ASP C 243 13.31 10.12 -8.34
C ASP C 243 13.17 11.04 -9.56
N ASN C 244 13.32 12.35 -9.35
CA ASN C 244 13.36 13.33 -10.44
C ASN C 244 14.59 13.15 -11.32
N PHE C 245 15.76 12.97 -10.69
CA PHE C 245 17.02 12.80 -11.41
C PHE C 245 16.99 11.60 -12.36
N VAL C 246 16.68 10.43 -11.82
CA VAL C 246 16.69 9.17 -12.59
C VAL C 246 15.72 9.18 -13.79
N GLU C 247 14.60 9.90 -13.65
CA GLU C 247 13.62 10.02 -14.74
C GLU C 247 14.15 10.91 -15.88
N ASN C 248 14.71 12.06 -15.53
CA ASN C 248 15.41 12.94 -16.50
C ASN C 248 16.69 12.31 -17.06
N PHE C 249 17.34 11.47 -16.24
CA PHE C 249 18.54 10.72 -16.63
C PHE C 249 18.21 9.67 -17.70
N LYS C 250 17.13 8.92 -17.48
CA LYS C 250 16.62 7.95 -18.47
C LYS C 250 16.30 8.59 -19.82
N THR C 251 15.57 9.70 -19.76
CA THR C 251 15.23 10.50 -20.95
C THR C 251 16.49 10.95 -21.70
N LEU C 252 17.50 11.37 -20.96
CA LEU C 252 18.76 11.85 -21.53
C LEU C 252 19.52 10.75 -22.28
N ILE C 253 19.57 9.55 -21.69
CA ILE C 253 20.20 8.38 -22.31
C ILE C 253 19.60 8.08 -23.69
N VAL C 254 18.27 8.14 -23.79
CA VAL C 254 17.55 7.90 -25.04
C VAL C 254 17.78 9.05 -26.04
N GLU C 255 17.72 10.28 -25.55
CA GLU C 255 17.94 11.48 -26.38
C GLU C 255 19.33 11.50 -27.01
N GLN C 256 20.36 11.22 -26.21
CA GLN C 256 21.76 11.23 -26.67
C GLN C 256 22.22 9.90 -27.30
N GLU C 257 21.33 8.91 -27.36
CA GLU C 257 21.59 7.61 -27.98
C GLU C 257 22.74 6.87 -27.28
N MET C 258 22.58 6.69 -25.97
CA MET C 258 23.55 6.00 -25.12
C MET C 258 23.00 4.70 -24.53
N GLU C 259 21.96 4.14 -25.15
CA GLU C 259 21.33 2.90 -24.68
C GLU C 259 22.22 1.66 -24.83
N ASP C 260 23.11 1.69 -25.83
CA ASP C 260 24.07 0.60 -26.07
C ASP C 260 25.41 0.78 -25.35
N VAL C 261 25.68 1.98 -24.84
CA VAL C 261 26.83 2.24 -23.97
C VAL C 261 26.40 1.86 -22.55
N THR C 262 27.22 1.05 -21.86
CA THR C 262 26.96 0.72 -20.46
C THR C 262 27.47 1.86 -19.57
N LEU C 263 26.79 2.08 -18.44
CA LEU C 263 27.12 3.18 -17.54
C LEU C 263 27.23 2.67 -16.10
N ASN C 264 27.91 3.44 -15.26
CA ASN C 264 27.85 3.22 -13.81
C ASN C 264 28.01 4.48 -12.96
N PHE C 265 27.40 4.43 -11.78
CA PHE C 265 27.67 5.39 -10.71
C PHE C 265 28.51 4.69 -9.64
N GLU C 266 29.26 5.50 -8.91
CA GLU C 266 30.06 5.04 -7.77
C GLU C 266 29.77 5.97 -6.59
N CYS C 267 28.72 5.64 -5.84
CA CYS C 267 28.22 6.47 -4.74
C CYS C 267 28.55 5.86 -3.39
N GLY C 268 28.88 6.71 -2.42
CA GLY C 268 29.13 6.30 -1.03
C GLY C 268 28.21 7.04 -0.07
N ARG C 269 28.40 8.36 -0.02
CA ARG C 269 27.69 9.26 0.90
C ARG C 269 26.17 9.08 0.91
N PHE C 270 25.56 9.15 -0.26
CA PHE C 270 24.10 9.10 -0.41
C PHE C 270 23.51 7.68 -0.19
N ILE C 271 24.36 6.64 -0.19
CA ILE C 271 23.95 5.26 0.12
C ILE C 271 23.79 5.02 1.63
N VAL C 272 24.74 5.48 2.44
CA VAL C 272 24.80 5.13 3.88
C VAL C 272 24.68 6.27 4.91
N ALA C 273 24.69 7.53 4.46
CA ALA C 273 24.66 8.68 5.40
C ALA C 273 23.49 8.64 6.38
N HIS C 274 22.29 8.60 5.82
CA HIS C 274 21.04 8.70 6.60
C HIS C 274 20.70 7.52 7.54
N ILE C 275 21.35 6.37 7.36
CA ILE C 275 21.05 5.16 8.16
C ILE C 275 22.02 4.90 9.32
N GLY C 276 23.02 5.76 9.50
CA GLY C 276 23.94 5.68 10.64
C GLY C 276 23.70 6.78 11.66
N TYR C 277 23.86 6.43 12.94
CA TYR C 277 23.70 7.37 14.06
C TYR C 277 24.87 7.23 15.03
N TYR C 278 25.39 8.36 15.51
CA TYR C 278 26.39 8.39 16.59
C TYR C 278 25.69 8.93 17.83
N VAL C 279 25.50 8.06 18.84
CA VAL C 279 24.73 8.42 20.04
C VAL C 279 25.63 8.44 21.27
N THR C 280 25.46 9.44 22.12
CA THR C 280 26.37 9.66 23.24
C THR C 280 25.76 10.44 24.41
N GLU C 281 26.10 10.02 25.62
CA GLU C 281 25.59 10.63 26.86
C GLU C 281 26.31 11.92 27.22
N VAL C 282 25.61 12.84 27.88
CA VAL C 282 26.20 14.07 28.41
C VAL C 282 26.92 13.75 29.72
N LEU C 283 28.23 13.97 29.75
CA LEU C 283 29.06 13.77 30.94
C LEU C 283 29.15 15.00 31.84
N ASP C 284 29.03 16.20 31.26
CA ASP C 284 29.16 17.44 32.01
C ASP C 284 28.55 18.61 31.25
N ILE C 285 28.12 19.63 32.00
CA ILE C 285 27.69 20.90 31.43
C ILE C 285 28.37 22.01 32.24
N LYS C 286 28.91 23.01 31.54
CA LYS C 286 29.61 24.12 32.20
C LYS C 286 29.53 25.41 31.39
N LYS C 287 29.59 26.54 32.11
CA LYS C 287 29.68 27.87 31.52
C LYS C 287 31.11 28.38 31.69
N VAL C 288 31.75 28.75 30.58
CA VAL C 288 33.10 29.30 30.60
C VAL C 288 33.11 30.63 29.86
N HIS C 289 33.41 31.71 30.58
CA HIS C 289 33.52 33.06 30.01
C HIS C 289 32.32 33.44 29.13
N GLY C 290 31.12 33.22 29.67
CA GLY C 290 29.88 33.59 29.01
C GLY C 290 29.32 32.63 27.97
N ALA C 291 29.92 31.45 27.84
CA ALA C 291 29.54 30.48 26.80
C ALA C 291 29.29 29.11 27.42
N TRP C 292 28.15 28.51 27.09
CA TRP C 292 27.75 27.20 27.63
C TRP C 292 28.34 26.07 26.80
N TYR C 293 28.82 25.04 27.50
CA TYR C 293 29.39 23.84 26.87
C TYR C 293 28.71 22.59 27.42
N ALA C 294 28.60 21.58 26.57
CA ALA C 294 28.10 20.26 26.98
C ALA C 294 29.13 19.22 26.56
N ILE C 295 29.74 18.58 27.55
CA ILE C 295 30.82 17.61 27.31
C ILE C 295 30.18 16.22 27.18
N LEU C 296 30.41 15.59 26.02
CA LEU C 296 29.84 14.28 25.69
C LEU C 296 30.90 13.18 25.75
N ARG C 297 30.45 11.94 25.99
CA ARG C 297 31.33 10.78 25.95
C ARG C 297 31.75 10.52 24.50
N GLY C 298 32.95 9.98 24.32
CA GLY C 298 33.56 9.85 23.00
C GLY C 298 34.13 11.18 22.53
N GLY C 299 34.02 11.45 21.24
CA GLY C 299 34.54 12.69 20.67
C GLY C 299 34.62 12.67 19.16
N THR C 300 35.20 13.73 18.60
CA THR C 300 35.36 13.85 17.15
C THR C 300 36.51 13.01 16.58
N GLN C 301 37.29 12.35 17.44
CA GLN C 301 38.22 11.31 16.98
C GLN C 301 37.50 9.98 16.67
N GLN C 302 36.25 9.85 17.13
CA GLN C 302 35.36 8.76 16.71
C GLN C 302 34.36 9.18 15.62
N PHE C 303 34.12 10.48 15.49
CA PHE C 303 33.16 11.02 14.53
C PHE C 303 33.63 12.41 14.07
N ARG C 304 34.58 12.43 13.14
CA ARG C 304 35.27 13.67 12.72
C ARG C 304 34.52 14.55 11.71
N LEU C 305 33.47 14.02 11.09
CA LEU C 305 32.75 14.74 10.02
C LEU C 305 32.43 16.22 10.30
N PRO C 306 31.93 16.54 11.51
CA PRO C 306 31.60 17.95 11.79
C PRO C 306 32.79 18.91 11.78
N VAL C 307 33.97 18.40 12.19
CA VAL C 307 35.21 19.19 12.21
C VAL C 307 35.77 19.29 10.80
N SER C 308 35.84 18.15 10.11
CA SER C 308 36.30 18.08 8.71
C SER C 308 35.53 19.03 7.78
N TRP C 309 34.21 19.08 7.97
CA TRP C 309 33.31 19.90 7.12
C TRP C 309 32.96 21.27 7.70
N GLN C 310 33.33 21.50 8.97
CA GLN C 310 33.11 22.80 9.65
C GLN C 310 31.63 23.18 9.70
N HIS C 311 30.79 22.22 10.09
CA HIS C 311 29.36 22.48 10.29
C HIS C 311 28.89 22.05 11.68
N ASN C 312 27.73 22.57 12.05
CA ASN C 312 27.00 22.12 13.23
C ASN C 312 26.23 20.87 12.82
N HIS C 313 26.72 19.70 13.22
CA HIS C 313 26.09 18.45 12.82
C HIS C 313 24.73 18.32 13.48
N PRO C 314 23.69 17.96 12.69
CA PRO C 314 22.33 17.88 13.25
C PRO C 314 22.17 16.76 14.28
N PHE C 315 21.52 17.08 15.40
CA PHE C 315 21.30 16.14 16.47
C PHE C 315 19.91 16.29 17.08
N GLU C 316 19.54 15.29 17.88
CA GLU C 316 18.30 15.28 18.65
C GLU C 316 18.66 14.90 20.08
N ILE C 317 17.95 15.47 21.05
CA ILE C 317 18.23 15.24 22.47
C ILE C 317 17.21 14.25 23.03
N TYR C 318 17.70 13.10 23.53
CA TYR C 318 16.90 12.19 24.33
C TYR C 318 16.99 12.62 25.79
N ARG C 319 15.85 12.94 26.41
CA ARG C 319 15.80 13.43 27.78
C ARG C 319 15.61 12.28 28.77
N TYR C 320 16.61 12.08 29.63
CA TYR C 320 16.59 11.00 30.62
C TYR C 320 16.06 11.51 31.97
N LYS C 321 15.12 10.78 32.55
CA LYS C 321 14.43 11.20 33.78
C LYS C 321 15.22 10.88 35.06
N ASP C 322 15.76 9.65 35.14
CA ASP C 322 16.41 9.17 36.37
C ASP C 322 17.79 9.80 36.60
N ASN C 323 18.19 9.80 37.88
CA ASN C 323 19.47 10.34 38.34
C ASN C 323 20.25 9.23 39.06
N PRO C 324 21.41 8.82 38.52
CA PRO C 324 22.21 7.79 39.21
C PRO C 324 22.99 8.32 40.42
N TYR C 325 23.19 9.64 40.52
CA TYR C 325 23.95 10.25 41.62
C TYR C 325 23.03 10.80 42.71
N SER C 326 23.61 11.05 43.88
CA SER C 326 22.89 11.61 45.03
C SER C 326 22.88 13.15 45.06
N PHE C 327 23.57 13.77 44.10
CA PHE C 327 23.57 15.23 43.93
C PHE C 327 22.80 15.58 42.66
N GLU C 328 22.41 16.83 42.53
CA GLU C 328 21.59 17.28 41.41
C GLU C 328 22.37 17.28 40.09
N LYS C 329 21.63 17.09 38.99
CA LYS C 329 22.19 17.21 37.64
C LYS C 329 22.49 18.67 37.35
N VAL C 330 23.45 18.91 36.46
CA VAL C 330 23.63 20.24 35.88
C VAL C 330 22.66 20.30 34.72
N SER C 331 21.81 21.32 34.71
CA SER C 331 20.78 21.50 33.68
C SER C 331 20.78 22.94 33.17
N ILE C 332 20.48 23.11 31.88
CA ILE C 332 20.31 24.44 31.28
C ILE C 332 19.11 24.43 30.34
N SER C 333 18.57 25.63 30.11
CA SER C 333 17.42 25.82 29.23
C SER C 333 17.50 27.12 28.46
N ARG C 334 17.21 27.05 27.17
CA ARG C 334 17.21 28.21 26.25
C ARG C 334 18.59 28.88 26.16
N GLN C 335 19.62 28.06 25.93
CA GLN C 335 21.01 28.53 25.84
C GLN C 335 21.68 28.05 24.56
N ASP C 336 22.37 28.96 23.87
CA ASP C 336 23.28 28.60 22.78
C ASP C 336 24.41 27.77 23.38
N THR C 337 24.52 26.51 22.93
CA THR C 337 25.44 25.53 23.51
C THR C 337 26.41 25.02 22.46
N THR C 338 27.65 24.79 22.88
CA THR C 338 28.67 24.14 22.05
C THR C 338 28.82 22.69 22.55
N LEU C 339 28.57 21.72 21.67
CA LEU C 339 28.74 20.31 22.00
C LEU C 339 30.18 19.90 21.72
N VAL C 340 30.82 19.31 22.72
CA VAL C 340 32.21 18.85 22.62
C VAL C 340 32.33 17.43 23.15
N GLY C 341 33.48 16.80 22.90
CA GLY C 341 33.78 15.45 23.35
C GLY C 341 34.72 15.44 24.53
N GLN C 342 35.42 14.31 24.71
CA GLN C 342 36.34 14.10 25.82
C GLN C 342 37.76 14.63 25.60
N LEU C 343 38.07 15.09 24.39
CA LEU C 343 39.47 15.34 24.00
C LEU C 343 40.04 16.64 24.55
N CYS C 344 41.38 16.71 24.59
CA CYS C 344 42.12 17.84 25.16
C CYS C 344 42.47 18.96 24.15
N THR C 345 41.79 18.98 23.01
CA THR C 345 41.97 20.03 21.99
C THR C 345 40.67 20.84 21.85
N PRO C 346 40.78 22.17 21.64
CA PRO C 346 39.57 22.98 21.41
C PRO C 346 38.88 22.70 20.06
N LYS C 347 39.55 22.00 19.15
CA LYS C 347 38.97 21.54 17.88
C LYS C 347 37.94 20.41 18.00
N ASP C 348 37.84 19.79 19.19
CA ASP C 348 36.89 18.70 19.42
C ASP C 348 35.47 19.24 19.64
N VAL C 349 34.83 19.63 18.54
CA VAL C 349 33.52 20.29 18.56
C VAL C 349 32.58 19.63 17.55
N PHE C 350 31.47 19.08 18.05
CA PHE C 350 30.42 18.52 17.20
C PHE C 350 29.54 19.61 16.62
N ALA C 351 29.13 20.55 17.47
CA ALA C 351 28.31 21.69 17.07
C ALA C 351 28.63 22.91 17.95
N ARG C 352 28.58 24.09 17.35
CA ARG C 352 29.01 25.34 17.98
C ARG C 352 27.86 26.33 18.15
N GLU C 353 27.57 26.71 19.39
CA GLU C 353 26.56 27.73 19.74
C GLU C 353 25.18 27.44 19.13
N VAL C 354 24.74 26.20 19.31
CA VAL C 354 23.44 25.75 18.83
C VAL C 354 22.41 25.99 19.93
N GLN C 355 21.26 26.55 19.54
CA GLN C 355 20.19 26.83 20.48
C GLN C 355 19.57 25.52 20.96
N ILE C 356 19.64 25.27 22.26
CA ILE C 356 19.06 24.08 22.90
C ILE C 356 18.01 24.53 23.91
N ASP C 357 16.83 23.91 23.83
CA ASP C 357 15.70 24.27 24.70
C ASP C 357 15.84 23.68 26.10
N ALA C 358 16.34 22.45 26.19
CA ALA C 358 16.59 21.80 27.48
C ALA C 358 17.60 20.66 27.36
N ILE C 359 18.63 20.70 28.19
CA ILE C 359 19.65 19.66 28.23
C ILE C 359 20.16 19.50 29.67
N SER C 360 20.47 18.25 30.03
CA SER C 360 20.94 17.88 31.37
C SER C 360 22.06 16.84 31.28
N THR C 361 22.88 16.79 32.31
CA THR C 361 23.88 15.73 32.45
C THR C 361 23.14 14.41 32.65
N GLY C 362 23.51 13.39 31.87
CA GLY C 362 22.79 12.11 31.83
C GLY C 362 21.96 11.92 30.56
N ASP C 363 21.54 13.02 29.94
CA ASP C 363 20.79 12.97 28.68
C ASP C 363 21.68 12.43 27.57
N VAL C 364 21.05 11.98 26.48
CA VAL C 364 21.78 11.41 25.33
C VAL C 364 21.56 12.28 24.10
N ILE C 365 22.66 12.62 23.44
CA ILE C 365 22.62 13.31 22.15
C ILE C 365 22.65 12.25 21.05
N VAL C 366 21.72 12.35 20.11
CA VAL C 366 21.64 11.44 18.97
C VAL C 366 22.03 12.24 17.73
N PHE C 367 23.26 12.05 17.26
CA PHE C 367 23.73 12.66 16.01
C PHE C 367 23.20 11.86 14.83
N LYS C 368 22.26 12.45 14.11
CA LYS C 368 21.68 11.84 12.91
C LYS C 368 22.64 11.99 11.74
N TYR C 369 22.38 11.23 10.68
CA TYR C 369 23.16 11.30 9.43
C TYR C 369 24.67 11.10 9.66
N ALA C 370 25.00 10.07 10.44
CA ALA C 370 26.39 9.77 10.82
C ALA C 370 26.98 8.57 10.08
N GLY C 371 26.26 8.01 9.12
CA GLY C 371 26.65 6.74 8.49
C GLY C 371 27.77 6.80 7.47
N ALA C 372 27.96 7.97 6.84
CA ALA C 372 28.92 8.16 5.76
C ALA C 372 30.02 9.13 6.17
N TYR C 373 31.27 8.70 6.03
CA TYR C 373 32.43 9.52 6.39
C TYR C 373 32.32 10.05 7.82
N GLY C 374 31.93 9.14 8.73
CA GLY C 374 31.86 9.41 10.16
C GLY C 374 33.00 8.67 10.83
N TRP C 375 32.77 7.39 11.11
CA TRP C 375 33.82 6.52 11.68
C TRP C 375 35.00 6.33 10.71
N SER C 376 34.70 6.22 9.41
CA SER C 376 35.73 5.90 8.40
C SER C 376 36.84 6.95 8.25
N ILE C 377 36.52 8.23 8.42
CA ILE C 377 37.52 9.33 8.32
C ILE C 377 38.12 9.75 9.68
N SER C 378 37.79 9.04 10.75
CA SER C 378 38.10 9.49 12.10
C SER C 378 39.39 8.87 12.64
N HIS C 379 40.00 9.56 13.61
CA HIS C 379 41.33 9.21 14.13
C HIS C 379 41.14 8.45 15.45
N HIS C 380 40.73 7.20 15.28
CA HIS C 380 40.12 6.39 16.35
C HIS C 380 40.89 6.36 17.65
N ASP C 381 42.21 6.23 17.56
CA ASP C 381 43.06 5.98 18.73
C ASP C 381 43.80 7.21 19.28
N PHE C 382 43.43 8.41 18.83
CA PHE C 382 44.00 9.64 19.37
C PHE C 382 43.53 9.86 20.81
N LEU C 383 44.49 9.96 21.73
CA LEU C 383 44.26 9.97 23.19
C LEU C 383 43.76 8.63 23.76
N SER C 384 43.92 7.55 22.99
CA SER C 384 43.69 6.17 23.42
C SER C 384 42.36 5.84 24.11
N HIS C 385 41.28 6.52 23.72
CA HIS C 385 39.95 6.18 24.26
C HIS C 385 39.45 4.88 23.65
N PRO C 386 38.65 4.11 24.40
CA PRO C 386 38.09 2.88 23.83
C PRO C 386 37.10 3.20 22.71
N HIS C 387 37.01 2.30 21.74
CA HIS C 387 36.15 2.49 20.58
C HIS C 387 34.69 2.48 21.00
N PRO C 388 33.82 3.21 20.26
CA PRO C 388 32.39 3.10 20.55
C PRO C 388 31.88 1.71 20.19
N GLU C 389 30.78 1.32 20.82
CA GLU C 389 30.12 0.04 20.52
C GLU C 389 29.41 0.17 19.17
N PHE C 390 29.30 -0.95 18.47
CA PHE C 390 28.63 -1.00 17.16
C PHE C 390 27.44 -1.94 17.18
N ILE C 391 26.24 -1.38 16.99
CA ILE C 391 24.99 -2.14 16.91
C ILE C 391 24.40 -2.00 15.51
N TYR C 392 24.24 -3.13 14.82
CA TYR C 392 23.61 -3.20 13.51
C TYR C 392 22.21 -3.83 13.64
N LEU C 393 21.18 -3.01 13.43
CA LEU C 393 19.78 -3.42 13.68
C LEU C 393 19.13 -4.08 12.46
N THR C 394 18.64 -5.30 12.65
CA THR C 394 18.05 -6.11 11.57
C THR C 394 16.52 -6.21 11.68
C1 DN9 D . -14.66 1.77 11.75
C2 DN9 D . -14.14 0.39 12.13
N3 DN9 D . -14.08 2.86 12.56
N4 DN9 D . -14.38 -0.60 11.08
C5 DN9 D . -14.75 -1.86 11.32
C6 DN9 D . -15.04 -2.70 10.08
O7 DN9 D . -14.85 -2.34 12.44
C8 DN9 D . -13.90 -2.73 9.06
C9 DN9 D . -14.18 -3.69 7.89
O10 DN9 D . -13.77 -1.41 8.53
C11 DN9 D . -12.59 -3.11 9.75
O12 DN9 D . -11.63 -2.37 9.79
O13 DN9 D . -12.61 -4.31 10.27
C14 DN9 D . -13.37 -3.36 6.66
O15 DN9 D . -12.72 -4.37 6.14
O16 DN9 D . -13.34 -2.24 6.19
P17 DN9 D . -17.08 0.86 16.90
O18 DN9 D . -16.20 -0.40 16.89
O19 DN9 D . -18.17 0.70 15.84
O20 DN9 D . -17.60 1.22 18.24
O21 DN9 D . -16.15 2.06 16.43
C22 DN9 D . -16.73 3.17 15.73
C23 DN9 D . -15.63 4.19 15.63
C24 DN9 D . -15.71 5.34 16.39
N25 DN9 D . -14.86 6.36 16.33
C26 DN9 D . -13.84 6.29 15.46
C27 DN9 D . -13.65 5.14 14.65
C28 DN9 D . -14.55 4.07 14.74
C29 DN9 D . -14.30 2.77 14.01
O30 DN9 D . -12.57 5.06 13.84
C31 DN9 D . -12.94 7.47 15.35
P PO4 E . -9.46 -12.64 -15.26
O1 PO4 E . -9.02 -12.77 -16.70
O2 PO4 E . -10.75 -13.41 -15.06
O3 PO4 E . -9.69 -11.17 -14.95
O4 PO4 E . -8.41 -13.22 -14.35
C' X3J F . -11.64 -9.24 -4.41
O1' X3J F . -10.83 -9.21 -3.50
O2' X3J F . -12.90 -9.49 -4.23
C1 X3J F . -11.25 -8.98 -5.85
C3 X3J F . -7.88 -14.22 -8.07
N3 X3J F . -8.21 -14.54 -6.70
O3 X3J F . -12.20 -10.77 -7.14
CM3 X3J F . -10.23 -11.29 -5.87
O3' X3J F . -9.13 -11.09 -5.36
C4 X3J F . -8.98 -13.38 -8.77
N4 X3J F . -8.98 -11.97 -8.42
C4' X3J F . -9.90 -11.10 -8.83
CAP X3J F . -10.96 -10.24 -6.69
O4 X3J F . -10.58 -11.26 -9.85
CM4 X3J F . -10.11 -9.90 -7.92
OAF X3J F . -10.88 -12.42 -5.79
P PO4 G . 30.79 10.13 -2.66
O1 PO4 G . 29.76 9.59 -3.63
O2 PO4 G . 32.16 10.03 -3.31
O3 PO4 G . 30.50 11.58 -2.35
O4 PO4 G . 30.76 9.31 -1.40
#